data_7VA1
#
_entry.id   7VA1
#
_cell.length_a   43.410
_cell.length_b   112.520
_cell.length_c   87.520
_cell.angle_alpha   90.000
_cell.angle_beta   92.358
_cell.angle_gamma   90.000
#
_symmetry.space_group_name_H-M   'P 1 21 1'
#
loop_
_entity.id
_entity.type
_entity.pdbx_description
1 polymer 'D-3-phosphoglycerate dehydrogenase'
2 non-polymer 4-[(3-ethanoylphenyl)sulfamoyl]-~{N}-[4-(3-fluorophenyl)-1,3-thiazol-2-yl]benzamide
3 water water
#
_entity_poly.entity_id   1
_entity_poly.type   'polypeptide(L)'
_entity_poly.pdbx_seq_one_letter_code
;GSMNTPNGNSLSAAELTCGMIMCLARQIPQATASMKDGKWERKKFMGTELNGKTLGILGLGRIGREVATRMQSFGMKTIG
YDPIISPEVSASFGVQQLPLEEIWPLCDFITVHTPLLPSTTGLLNDNTFAQCKKGVRVVNCARGGIVDEGALLRALQSGQ
CAGAALDVFTEEPPRDRALVDHENVISCPHLGASTKEAQSRCGEEIAVQFVDMV
;
_entity_poly.pdbx_strand_id   B,A,C,D
#
loop_
_chem_comp.id
_chem_comp.type
_chem_comp.name
_chem_comp.formula
5YP non-polymer 4-[(3-ethanoylphenyl)sulfamoyl]-~{N}-[4-(3-fluorophenyl)-1,3-thiazol-2-yl]benzamide 'C24 H18 F N3 O4 S2'
#
# COMPACT_ATOMS: atom_id res chain seq x y z
N ASN A 9 -22.22 25.12 -22.22
CA ASN A 9 -21.24 25.17 -23.31
C ASN A 9 -19.81 25.23 -22.77
N SER A 10 -19.26 26.46 -22.72
CA SER A 10 -17.90 26.64 -22.22
C SER A 10 -17.85 26.36 -20.72
N LEU A 11 -18.89 26.73 -19.98
CA LEU A 11 -18.85 26.55 -18.54
C LEU A 11 -18.79 25.07 -18.15
N SER A 12 -19.45 24.19 -18.91
CA SER A 12 -19.41 22.77 -18.56
C SER A 12 -17.99 22.24 -18.66
N ALA A 13 -17.25 22.64 -19.70
CA ALA A 13 -15.86 22.21 -19.81
C ALA A 13 -14.99 22.84 -18.73
N ALA A 14 -15.20 24.12 -18.44
CA ALA A 14 -14.41 24.77 -17.40
C ALA A 14 -14.66 24.12 -16.04
N GLU A 15 -15.92 23.79 -15.77
CA GLU A 15 -16.25 23.18 -14.48
C GLU A 15 -15.63 21.80 -14.37
N LEU A 16 -15.70 20.99 -15.42
CA LEU A 16 -15.04 19.70 -15.38
C LEU A 16 -13.54 19.86 -15.18
N THR A 17 -12.92 20.81 -15.88
CA THR A 17 -11.50 21.08 -15.70
C THR A 17 -11.15 21.37 -14.24
N CYS A 18 -11.89 22.29 -13.62
CA CYS A 18 -11.63 22.60 -12.22
C CYS A 18 -11.84 21.38 -11.33
N GLY A 19 -12.87 20.58 -11.62
CA GLY A 19 -13.08 19.35 -10.88
C GLY A 19 -11.92 18.39 -11.04
N MET A 20 -11.35 18.30 -12.25
CA MET A 20 -10.20 17.45 -12.46
C MET A 20 -9.00 17.94 -11.66
N ILE A 21 -8.80 19.26 -11.59
CA ILE A 21 -7.69 19.78 -10.81
C ILE A 21 -7.83 19.34 -9.35
N MET A 22 -9.05 19.49 -8.80
N MET A 22 -9.05 19.47 -8.80
CA MET A 22 -9.28 19.11 -7.41
CA MET A 22 -9.22 19.13 -7.39
C MET A 22 -9.01 17.63 -7.20
C MET A 22 -9.08 17.63 -7.15
N CYS A 23 -9.49 16.80 -8.12
CA CYS A 23 -9.33 15.36 -7.98
C CYS A 23 -7.85 14.97 -8.02
N LEU A 24 -7.05 15.67 -8.82
CA LEU A 24 -5.62 15.38 -8.81
C LEU A 24 -4.98 15.80 -7.50
N ALA A 25 -5.35 16.99 -7.00
CA ALA A 25 -4.73 17.50 -5.78
C ALA A 25 -5.04 16.62 -4.56
N ARG A 26 -6.22 16.02 -4.50
CA ARG A 26 -6.67 15.28 -3.34
C ARG A 26 -6.93 13.80 -3.62
N GLN A 27 -6.70 13.35 -4.86
CA GLN A 27 -6.80 11.93 -5.21
C GLN A 27 -8.17 11.34 -4.86
N ILE A 28 -9.23 12.13 -5.08
CA ILE A 28 -10.58 11.67 -4.73
C ILE A 28 -11.00 10.41 -5.48
N PRO A 29 -10.83 10.31 -6.81
CA PRO A 29 -11.21 9.06 -7.47
C PRO A 29 -10.49 7.85 -6.88
N GLN A 30 -9.19 7.98 -6.64
CA GLN A 30 -8.43 6.87 -6.08
C GLN A 30 -8.87 6.55 -4.67
N ALA A 31 -9.12 7.58 -3.87
CA ALA A 31 -9.59 7.37 -2.50
C ALA A 31 -10.95 6.69 -2.48
N THR A 32 -11.86 7.09 -3.37
CA THR A 32 -13.17 6.44 -3.42
C THR A 32 -13.04 4.98 -3.83
N ALA A 33 -12.20 4.68 -4.82
CA ALA A 33 -11.99 3.29 -5.21
C ALA A 33 -11.40 2.49 -4.05
N SER A 34 -10.49 3.09 -3.30
CA SER A 34 -9.90 2.41 -2.16
C SER A 34 -10.95 2.09 -1.09
N MET A 35 -11.82 3.06 -0.78
CA MET A 35 -12.88 2.84 0.20
C MET A 35 -13.82 1.72 -0.24
N LYS A 36 -14.18 1.70 -1.53
CA LYS A 36 -15.10 0.68 -2.04
C LYS A 36 -14.44 -0.69 -2.09
N ASP A 37 -13.11 -0.73 -2.03
CA ASP A 37 -12.34 -1.96 -1.88
C ASP A 37 -12.18 -2.36 -0.41
N GLY A 38 -12.82 -1.64 0.51
CA GLY A 38 -12.78 -1.98 1.91
C GLY A 38 -11.56 -1.49 2.66
N LYS A 39 -10.77 -0.60 2.07
CA LYS A 39 -9.53 -0.13 2.68
C LYS A 39 -9.75 1.24 3.33
N TRP A 40 -8.86 1.56 4.29
CA TRP A 40 -8.82 2.86 4.95
C TRP A 40 -7.37 3.32 4.94
N GLU A 41 -6.95 3.90 3.83
CA GLU A 41 -5.55 4.21 3.58
C GLU A 41 -5.35 5.73 3.63
N ARG A 42 -5.40 6.27 4.83
CA ARG A 42 -5.30 7.71 4.98
C ARG A 42 -3.91 8.22 4.57
N LYS A 43 -2.87 7.46 4.88
CA LYS A 43 -1.50 7.91 4.59
C LYS A 43 -1.22 7.93 3.08
N LYS A 44 -1.70 6.92 2.36
CA LYS A 44 -1.41 6.82 0.93
C LYS A 44 -1.93 8.01 0.15
N PHE A 45 -3.00 8.64 0.61
CA PHE A 45 -3.71 9.65 -0.18
C PHE A 45 -3.50 11.05 0.37
N MET A 46 -2.41 11.28 1.08
CA MET A 46 -1.97 12.63 1.42
C MET A 46 -1.90 13.48 0.17
N GLY A 47 -2.63 14.60 0.16
CA GLY A 47 -2.82 15.39 -1.03
C GLY A 47 -2.11 16.72 -0.99
N THR A 48 -2.55 17.63 -1.87
CA THR A 48 -1.90 18.91 -2.09
C THR A 48 -2.89 20.02 -1.84
N GLU A 49 -2.47 21.03 -1.08
CA GLU A 49 -3.28 22.22 -0.91
C GLU A 49 -3.09 23.10 -2.13
N LEU A 50 -4.19 23.56 -2.72
CA LEU A 50 -4.07 24.37 -3.92
C LEU A 50 -3.68 25.82 -3.65
N ASN A 51 -4.07 26.37 -2.51
CA ASN A 51 -3.71 27.75 -2.20
C ASN A 51 -2.20 27.94 -2.33
N GLY A 52 -1.81 28.96 -3.10
CA GLY A 52 -0.42 29.32 -3.27
C GLY A 52 0.32 28.55 -4.33
N LYS A 53 -0.30 27.53 -4.93
CA LYS A 53 0.31 26.77 -5.99
C LYS A 53 0.10 27.45 -7.33
N THR A 54 0.96 27.11 -8.30
CA THR A 54 0.93 27.73 -9.60
C THR A 54 0.21 26.82 -10.60
N LEU A 55 -0.79 27.39 -11.27
CA LEU A 55 -1.52 26.74 -12.35
C LEU A 55 -1.12 27.39 -13.65
N GLY A 56 -0.62 26.59 -14.59
CA GLY A 56 -0.30 27.07 -15.93
C GLY A 56 -1.48 26.75 -16.83
N ILE A 57 -1.95 27.77 -17.54
CA ILE A 57 -3.11 27.68 -18.42
C ILE A 57 -2.63 27.97 -19.85
N LEU A 58 -2.63 26.94 -20.69
CA LEU A 58 -2.17 27.05 -22.08
C LEU A 58 -3.37 27.25 -22.99
N GLY A 59 -3.52 28.45 -23.54
CA GLY A 59 -4.73 28.77 -24.28
C GLY A 59 -5.67 29.59 -23.44
N LEU A 60 -5.86 30.86 -23.80
CA LEU A 60 -6.56 31.80 -22.95
C LEU A 60 -7.80 32.36 -23.63
N GLY A 61 -8.54 31.49 -24.32
CA GLY A 61 -9.85 31.82 -24.82
C GLY A 61 -10.87 31.71 -23.70
N ARG A 62 -12.14 31.56 -24.08
CA ARG A 62 -13.23 31.63 -23.09
C ARG A 62 -13.05 30.60 -21.97
N ILE A 63 -12.76 29.35 -22.33
CA ILE A 63 -12.71 28.31 -21.32
C ILE A 63 -11.48 28.49 -20.42
N GLY A 64 -10.34 28.81 -21.02
CA GLY A 64 -9.16 29.09 -20.22
C GLY A 64 -9.41 30.20 -19.21
N ARG A 65 -10.12 31.25 -19.63
CA ARG A 65 -10.39 32.37 -18.74
C ARG A 65 -11.32 31.95 -17.60
N GLU A 66 -12.35 31.17 -17.93
CA GLU A 66 -13.28 30.69 -16.91
C GLU A 66 -12.56 29.81 -15.89
N VAL A 67 -11.68 28.92 -16.35
CA VAL A 67 -10.89 28.12 -15.42
C VAL A 67 -10.05 29.03 -14.52
N ALA A 68 -9.41 30.04 -15.12
CA ALA A 68 -8.55 30.95 -14.37
C ALA A 68 -9.32 31.62 -13.24
N THR A 69 -10.49 32.19 -13.52
CA THR A 69 -11.14 32.95 -12.46
C THR A 69 -11.66 32.02 -11.37
N ARG A 70 -12.09 30.82 -11.73
CA ARG A 70 -12.48 29.87 -10.68
C ARG A 70 -11.28 29.47 -9.83
N MET A 71 -10.16 29.12 -10.46
CA MET A 71 -9.04 28.64 -9.66
C MET A 71 -8.33 29.77 -8.92
N GLN A 72 -8.48 31.01 -9.36
CA GLN A 72 -7.98 32.15 -8.59
C GLN A 72 -8.67 32.23 -7.23
N SER A 73 -9.95 31.83 -7.16
CA SER A 73 -10.67 31.89 -5.89
C SER A 73 -10.13 30.89 -4.89
N PHE A 74 -9.35 29.91 -5.33
CA PHE A 74 -8.65 28.96 -4.47
C PHE A 74 -7.28 29.46 -4.05
N GLY A 75 -6.90 30.66 -4.46
CA GLY A 75 -5.58 31.16 -4.15
C GLY A 75 -4.47 30.63 -5.03
N MET A 76 -4.81 30.07 -6.19
CA MET A 76 -3.79 29.62 -7.11
C MET A 76 -3.20 30.82 -7.84
N LYS A 77 -1.89 30.79 -8.04
CA LYS A 77 -1.25 31.75 -8.94
C LYS A 77 -1.45 31.26 -10.36
N THR A 78 -2.14 32.05 -11.20
CA THR A 78 -2.48 31.64 -12.56
C THR A 78 -1.54 32.34 -13.55
N ILE A 79 -0.72 31.53 -14.24
CA ILE A 79 0.14 32.00 -15.32
C ILE A 79 -0.30 31.28 -16.58
N GLY A 80 0.14 31.77 -17.74
CA GLY A 80 -0.27 31.07 -18.94
C GLY A 80 0.36 31.65 -20.18
N TYR A 81 -0.08 31.09 -21.31
CA TYR A 81 0.43 31.52 -22.59
C TYR A 81 -0.69 31.39 -23.62
N ASP A 82 -0.76 32.37 -24.50
CA ASP A 82 -1.65 32.35 -25.65
C ASP A 82 -1.05 33.29 -26.66
N PRO A 83 -0.71 32.82 -27.86
CA PRO A 83 -0.04 33.72 -28.82
C PRO A 83 -0.97 34.74 -29.46
N ILE A 84 -2.27 34.66 -29.21
CA ILE A 84 -3.22 35.63 -29.74
C ILE A 84 -3.45 36.79 -28.76
N ILE A 85 -3.38 36.51 -27.47
CA ILE A 85 -3.69 37.48 -26.43
C ILE A 85 -2.42 38.16 -25.97
N SER A 86 -2.50 39.46 -25.74
CA SER A 86 -1.36 40.21 -25.25
C SER A 86 -1.26 40.05 -23.72
N PRO A 87 -0.05 40.20 -23.15
CA PRO A 87 0.07 40.14 -21.69
C PRO A 87 -0.78 41.16 -20.96
N GLU A 88 -1.02 42.33 -21.57
CA GLU A 88 -1.89 43.32 -20.95
C GLU A 88 -3.32 42.82 -20.85
N VAL A 89 -3.81 42.14 -21.89
CA VAL A 89 -5.17 41.59 -21.88
C VAL A 89 -5.28 40.46 -20.86
N SER A 90 -4.30 39.56 -20.85
CA SER A 90 -4.35 38.44 -19.91
C SER A 90 -4.28 38.94 -18.46
N ALA A 91 -3.49 39.99 -18.20
CA ALA A 91 -3.45 40.57 -16.86
C ALA A 91 -4.83 41.04 -16.40
N SER A 92 -5.67 41.49 -17.34
CA SER A 92 -6.98 41.99 -16.97
C SER A 92 -7.88 40.91 -16.40
N PHE A 93 -7.66 39.63 -16.75
CA PHE A 93 -8.34 38.55 -16.04
C PHE A 93 -7.39 37.73 -15.18
N GLY A 94 -6.27 38.33 -14.77
CA GLY A 94 -5.46 37.76 -13.70
C GLY A 94 -4.50 36.64 -14.09
N VAL A 95 -4.21 36.47 -15.37
CA VAL A 95 -3.27 35.45 -15.81
C VAL A 95 -2.00 36.16 -16.24
N GLN A 96 -0.89 35.82 -15.60
CA GLN A 96 0.40 36.41 -15.96
C GLN A 96 0.94 35.64 -17.15
N GLN A 97 1.04 36.31 -18.29
CA GLN A 97 1.55 35.67 -19.49
C GLN A 97 3.07 35.69 -19.50
N LEU A 98 3.67 34.54 -19.80
CA LEU A 98 5.10 34.37 -19.92
C LEU A 98 5.38 33.57 -21.18
N PRO A 99 6.61 33.57 -21.67
CA PRO A 99 6.97 32.64 -22.74
C PRO A 99 6.84 31.19 -22.28
N LEU A 100 6.38 30.32 -23.18
CA LEU A 100 6.17 28.91 -22.85
C LEU A 100 7.35 28.34 -22.06
N GLU A 101 8.57 28.65 -22.47
CA GLU A 101 9.71 28.04 -21.81
C GLU A 101 9.87 28.53 -20.38
N GLU A 102 9.34 29.71 -20.05
CA GLU A 102 9.34 30.13 -18.66
C GLU A 102 8.23 29.48 -17.88
N ILE A 103 7.17 29.04 -18.55
CA ILE A 103 6.02 28.46 -17.86
C ILE A 103 6.34 27.08 -17.30
N TRP A 104 6.91 26.19 -18.12
CA TRP A 104 7.09 24.81 -17.70
C TRP A 104 7.71 24.66 -16.32
N PRO A 105 8.84 25.28 -15.98
CA PRO A 105 9.47 25.02 -14.67
C PRO A 105 8.71 25.60 -13.48
N LEU A 106 7.74 26.48 -13.71
CA LEU A 106 7.05 27.14 -12.62
C LEU A 106 5.79 26.42 -12.15
N CYS A 107 5.23 25.54 -12.97
CA CYS A 107 3.87 25.06 -12.72
C CYS A 107 3.80 23.86 -11.77
N ASP A 108 2.84 23.92 -10.87
CA ASP A 108 2.45 22.73 -10.13
C ASP A 108 1.36 21.97 -10.86
N PHE A 109 0.49 22.70 -11.55
CA PHE A 109 -0.57 22.14 -12.36
C PHE A 109 -0.53 22.81 -13.72
N ILE A 110 -0.82 22.05 -14.77
CA ILE A 110 -0.93 22.58 -16.13
C ILE A 110 -2.24 22.09 -16.73
N THR A 111 -2.99 23.00 -17.34
CA THR A 111 -4.23 22.63 -18.02
C THR A 111 -4.24 23.27 -19.41
N VAL A 112 -4.74 22.53 -20.40
CA VAL A 112 -4.67 23.00 -21.79
C VAL A 112 -6.08 23.33 -22.28
N HIS A 113 -6.19 24.46 -22.97
CA HIS A 113 -7.45 24.99 -23.46
C HIS A 113 -7.24 25.66 -24.81
N THR A 114 -6.44 25.05 -25.63
CA THR A 114 -6.19 25.49 -26.99
C THR A 114 -7.08 24.73 -27.96
N PRO A 115 -7.31 25.27 -29.16
CA PRO A 115 -7.85 24.43 -30.22
C PRO A 115 -6.83 23.35 -30.54
N LEU A 116 -7.28 22.32 -31.24
CA LEU A 116 -6.38 21.29 -31.77
C LEU A 116 -5.91 21.77 -33.13
N LEU A 117 -4.65 22.17 -33.24
CA LEU A 117 -4.03 22.74 -34.42
C LEU A 117 -2.69 22.06 -34.65
N PRO A 118 -2.05 22.30 -35.80
CA PRO A 118 -0.68 21.79 -35.95
C PRO A 118 0.24 22.27 -34.84
N SER A 119 0.13 23.54 -34.44
CA SER A 119 0.99 24.07 -33.39
C SER A 119 0.70 23.49 -32.02
N THR A 120 -0.49 22.92 -31.80
CA THR A 120 -0.87 22.43 -30.46
C THR A 120 -0.94 20.92 -30.34
N THR A 121 -0.76 20.18 -31.41
CA THR A 121 -0.64 18.72 -31.30
C THR A 121 0.69 18.40 -30.62
N GLY A 122 0.63 17.64 -29.53
CA GLY A 122 1.84 17.35 -28.79
C GLY A 122 2.46 18.56 -28.12
N LEU A 123 1.63 19.55 -27.76
CA LEU A 123 2.12 20.71 -27.03
C LEU A 123 2.91 20.29 -25.79
N LEU A 124 2.35 19.36 -25.01
CA LEU A 124 3.12 18.68 -23.98
C LEU A 124 3.69 17.41 -24.59
N ASN A 125 5.02 17.29 -24.57
CA ASN A 125 5.71 16.16 -25.18
C ASN A 125 6.93 15.84 -24.32
N ASP A 126 7.80 14.97 -24.84
CA ASP A 126 8.96 14.54 -24.08
C ASP A 126 9.87 15.71 -23.73
N ASN A 127 10.01 16.66 -24.66
CA ASN A 127 10.84 17.84 -24.40
C ASN A 127 10.24 18.72 -23.33
N THR A 128 8.96 19.07 -23.47
CA THR A 128 8.39 20.03 -22.52
C THR A 128 8.13 19.38 -21.17
N PHE A 129 7.76 18.10 -21.12
CA PHE A 129 7.65 17.41 -19.83
C PHE A 129 8.96 17.48 -19.07
N ALA A 130 10.09 17.37 -19.77
CA ALA A 130 11.39 17.45 -19.11
C ALA A 130 11.69 18.85 -18.59
N GLN A 131 11.06 19.88 -19.14
CA GLN A 131 11.23 21.25 -18.65
C GLN A 131 10.35 21.56 -17.44
N CYS A 132 9.43 20.66 -17.08
CA CYS A 132 8.49 20.87 -15.99
C CYS A 132 9.13 20.57 -14.63
N LYS A 133 8.48 21.04 -13.58
CA LYS A 133 8.87 20.64 -12.23
C LYS A 133 8.60 19.16 -12.05
N LYS A 134 9.52 18.45 -11.38
CA LYS A 134 9.25 17.05 -11.11
C LYS A 134 8.01 16.95 -10.25
N GLY A 135 7.05 16.15 -10.68
CA GLY A 135 5.79 16.02 -9.98
C GLY A 135 4.68 16.90 -10.49
N VAL A 136 4.86 17.53 -11.66
CA VAL A 136 3.80 18.33 -12.26
C VAL A 136 2.55 17.45 -12.47
N ARG A 137 1.38 18.07 -12.33
CA ARG A 137 0.11 17.42 -12.60
C ARG A 137 -0.56 18.11 -13.78
N VAL A 138 -1.08 17.30 -14.71
CA VAL A 138 -1.51 17.76 -16.02
C VAL A 138 -2.97 17.40 -16.24
N VAL A 139 -3.72 18.33 -16.84
CA VAL A 139 -5.13 18.15 -17.16
C VAL A 139 -5.32 18.39 -18.64
N ASN A 140 -6.02 17.48 -19.33
CA ASN A 140 -6.47 17.75 -20.69
C ASN A 140 -7.97 17.49 -20.78
N CYS A 141 -8.77 18.56 -20.70
CA CYS A 141 -10.19 18.52 -20.97
C CYS A 141 -10.54 19.28 -22.25
N ALA A 142 -9.58 19.40 -23.16
CA ALA A 142 -9.80 20.17 -24.37
C ALA A 142 -10.01 19.25 -25.58
N ARG A 143 -8.92 18.78 -26.16
CA ARG A 143 -8.95 17.88 -27.31
C ARG A 143 -7.85 16.85 -27.19
N GLY A 144 -8.18 15.61 -27.55
CA GLY A 144 -7.18 14.56 -27.48
C GLY A 144 -6.04 14.82 -28.46
N GLY A 145 -4.82 14.61 -27.98
CA GLY A 145 -3.64 14.85 -28.78
C GLY A 145 -2.86 16.10 -28.39
N ILE A 146 -3.51 17.05 -27.71
CA ILE A 146 -2.74 18.22 -27.28
C ILE A 146 -1.63 17.80 -26.34
N VAL A 147 -1.93 16.87 -25.45
CA VAL A 147 -0.90 16.19 -24.65
C VAL A 147 -0.50 14.93 -25.39
N ASP A 148 0.79 14.81 -25.72
CA ASP A 148 1.26 13.58 -26.38
C ASP A 148 1.13 12.40 -25.43
N GLU A 149 0.31 11.42 -25.83
CA GLU A 149 -0.06 10.37 -24.87
C GLU A 149 1.13 9.46 -24.57
N GLY A 150 1.97 9.17 -25.57
CA GLY A 150 3.18 8.42 -25.30
C GLY A 150 4.12 9.14 -24.37
N ALA A 151 4.32 10.45 -24.57
CA ALA A 151 5.16 11.22 -23.66
C ALA A 151 4.56 11.29 -22.27
N LEU A 152 3.24 11.45 -22.18
CA LEU A 152 2.60 11.50 -20.87
C LEU A 152 2.87 10.21 -20.10
N LEU A 153 2.72 9.06 -20.77
CA LEU A 153 2.94 7.78 -20.09
C LEU A 153 4.37 7.67 -19.60
N ARG A 154 5.34 8.08 -20.42
CA ARG A 154 6.73 8.06 -19.99
C ARG A 154 6.94 8.96 -18.77
N ALA A 155 6.33 10.13 -18.77
CA ALA A 155 6.50 11.03 -17.63
C ALA A 155 5.86 10.46 -16.37
N LEU A 156 4.73 9.74 -16.53
CA LEU A 156 4.09 9.14 -15.37
C LEU A 156 4.93 7.98 -14.83
N GLN A 157 5.53 7.19 -15.72
CA GLN A 157 6.32 6.05 -15.25
C GLN A 157 7.60 6.49 -14.55
N SER A 158 8.15 7.64 -14.92
CA SER A 158 9.37 8.14 -14.28
C SER A 158 9.10 8.91 -13.00
N GLY A 159 7.88 9.42 -12.81
CA GLY A 159 7.58 10.33 -11.73
C GLY A 159 7.69 11.79 -12.11
N GLN A 160 8.15 12.09 -13.32
CA GLN A 160 8.22 13.48 -13.78
C GLN A 160 6.84 14.11 -13.75
N CYS A 161 5.82 13.36 -14.11
CA CYS A 161 4.43 13.75 -13.93
C CYS A 161 3.83 12.89 -12.81
N ALA A 162 3.39 13.54 -11.74
CA ALA A 162 2.81 12.85 -10.58
C ALA A 162 1.36 12.45 -10.78
N GLY A 163 0.70 12.95 -11.82
CA GLY A 163 -0.70 12.63 -12.05
C GLY A 163 -1.26 13.35 -13.26
N ALA A 164 -2.27 12.75 -13.86
CA ALA A 164 -2.90 13.33 -15.04
C ALA A 164 -4.40 13.06 -14.99
N ALA A 165 -5.16 14.03 -15.52
CA ALA A 165 -6.61 13.92 -15.61
C ALA A 165 -6.99 14.12 -17.07
N LEU A 166 -7.59 13.10 -17.68
CA LEU A 166 -7.86 13.15 -19.10
C LEU A 166 -9.35 12.95 -19.32
N ASP A 167 -9.98 13.92 -19.98
CA ASP A 167 -11.34 13.76 -20.47
C ASP A 167 -11.37 13.37 -21.94
N VAL A 168 -10.25 13.50 -22.65
CA VAL A 168 -10.21 13.33 -24.09
C VAL A 168 -8.99 12.51 -24.47
N PHE A 169 -9.10 11.80 -25.59
CA PHE A 169 -8.05 10.91 -26.07
C PHE A 169 -7.94 11.00 -27.58
N THR A 170 -6.76 10.68 -28.10
CA THR A 170 -6.56 10.67 -29.55
C THR A 170 -7.51 9.70 -30.26
N GLU A 171 -7.84 8.59 -29.61
CA GLU A 171 -8.90 7.70 -30.07
C GLU A 171 -9.94 7.59 -28.96
N GLU A 172 -11.22 7.72 -29.31
CA GLU A 172 -12.31 7.70 -28.34
C GLU A 172 -13.37 6.69 -28.75
N PRO A 173 -13.60 5.64 -27.97
CA PRO A 173 -12.83 5.28 -26.77
C PRO A 173 -11.39 4.85 -27.08
N PRO A 174 -10.48 5.08 -26.13
CA PRO A 174 -9.08 4.72 -26.35
C PRO A 174 -8.88 3.21 -26.43
N ARG A 175 -8.08 2.80 -27.42
CA ARG A 175 -7.72 1.40 -27.56
C ARG A 175 -6.49 1.03 -26.73
N ASP A 176 -5.49 1.91 -26.70
CA ASP A 176 -4.37 1.76 -25.78
C ASP A 176 -4.83 2.10 -24.38
N ARG A 177 -4.69 1.17 -23.45
CA ARG A 177 -5.21 1.33 -22.10
C ARG A 177 -4.13 1.72 -21.10
N ALA A 178 -2.89 1.93 -21.55
CA ALA A 178 -1.79 2.19 -20.63
C ALA A 178 -2.05 3.45 -19.80
N LEU A 179 -2.53 4.52 -20.42
CA LEU A 179 -2.79 5.75 -19.67
C LEU A 179 -3.96 5.56 -18.70
N VAL A 180 -5.09 5.06 -19.21
CA VAL A 180 -6.28 4.95 -18.34
C VAL A 180 -6.01 4.06 -17.15
N ASP A 181 -5.24 2.98 -17.35
CA ASP A 181 -5.01 2.02 -16.28
C ASP A 181 -3.98 2.49 -15.28
N HIS A 182 -3.22 3.53 -15.56
CA HIS A 182 -2.19 4.00 -14.63
C HIS A 182 -2.81 4.52 -13.34
N GLU A 183 -2.18 4.17 -12.21
CA GLU A 183 -2.76 4.48 -10.91
C GLU A 183 -2.89 5.98 -10.68
N ASN A 184 -2.05 6.78 -11.34
CA ASN A 184 -2.05 8.22 -11.12
C ASN A 184 -2.85 8.97 -12.17
N VAL A 185 -3.62 8.27 -12.99
CA VAL A 185 -4.43 8.88 -14.05
C VAL A 185 -5.90 8.77 -13.68
N ILE A 186 -6.61 9.89 -13.73
CA ILE A 186 -8.06 9.90 -13.61
C ILE A 186 -8.63 10.27 -14.97
N SER A 187 -9.81 9.73 -15.26
CA SER A 187 -10.32 9.86 -16.62
C SER A 187 -11.84 9.83 -16.63
N CYS A 188 -12.40 10.34 -17.71
CA CYS A 188 -13.83 10.40 -17.97
C CYS A 188 -14.03 10.14 -19.46
N PRO A 189 -15.17 9.56 -19.85
CA PRO A 189 -15.48 9.33 -21.27
C PRO A 189 -15.98 10.57 -22.00
N HIS A 190 -15.12 11.59 -22.09
CA HIS A 190 -15.40 12.84 -22.80
C HIS A 190 -16.72 13.47 -22.33
N LEU A 191 -16.77 13.73 -21.02
CA LEU A 191 -17.95 14.31 -20.39
C LEU A 191 -17.94 15.83 -20.40
N GLY A 192 -16.92 16.45 -20.99
CA GLY A 192 -16.76 17.90 -20.88
C GLY A 192 -18.03 18.69 -21.12
N ALA A 193 -18.82 18.29 -22.12
CA ALA A 193 -20.07 18.95 -22.45
C ALA A 193 -21.30 18.17 -21.97
N SER A 194 -21.11 17.21 -21.06
CA SER A 194 -22.18 16.29 -20.67
C SER A 194 -22.91 16.77 -19.41
N THR A 195 -23.62 17.87 -19.59
CA THR A 195 -24.58 18.33 -18.59
C THR A 195 -25.91 18.58 -19.30
N LYS A 196 -27.00 18.46 -18.55
CA LYS A 196 -28.31 18.76 -19.15
C LYS A 196 -28.37 20.22 -19.60
N GLU A 197 -27.75 21.12 -18.81
CA GLU A 197 -27.77 22.54 -19.15
C GLU A 197 -27.02 22.82 -20.45
N ALA A 198 -25.95 22.08 -20.71
CA ALA A 198 -25.18 22.27 -21.95
C ALA A 198 -25.79 21.47 -23.11
N ASN B 9 -5.55 22.00 7.64
CA ASN B 9 -6.02 23.19 8.32
C ASN B 9 -7.40 23.57 7.79
N SER B 10 -7.73 24.86 7.81
CA SER B 10 -9.05 25.27 7.34
C SER B 10 -9.17 25.15 5.83
N LEU B 11 -8.12 25.58 5.11
CA LEU B 11 -8.18 25.56 3.66
C LEU B 11 -8.20 24.13 3.13
N SER B 12 -7.53 23.20 3.80
CA SER B 12 -7.52 21.83 3.32
C SER B 12 -8.91 21.21 3.36
N ALA B 13 -9.64 21.43 4.45
CA ALA B 13 -11.01 20.92 4.52
C ALA B 13 -11.92 21.65 3.54
N ALA B 14 -11.78 22.98 3.44
CA ALA B 14 -12.59 23.73 2.50
C ALA B 14 -12.31 23.27 1.07
N GLU B 15 -11.04 23.04 0.74
CA GLU B 15 -10.69 22.61 -0.62
C GLU B 15 -11.24 21.22 -0.90
N LEU B 16 -11.11 20.31 0.06
CA LEU B 16 -11.70 18.99 -0.14
C LEU B 16 -13.21 19.10 -0.33
N THR B 17 -13.87 19.94 0.48
CA THR B 17 -15.31 20.11 0.33
C THR B 17 -15.68 20.55 -1.09
N CYS B 18 -15.02 21.58 -1.61
CA CYS B 18 -15.33 22.03 -2.95
C CYS B 18 -15.05 20.94 -3.97
N GLY B 19 -13.96 20.21 -3.79
CA GLY B 19 -13.66 19.10 -4.70
C GLY B 19 -14.75 18.06 -4.69
N MET B 20 -15.32 17.78 -3.51
CA MET B 20 -16.43 16.83 -3.40
C MET B 20 -17.68 17.35 -4.09
N ILE B 21 -17.97 18.65 -3.97
CA ILE B 21 -19.11 19.22 -4.68
C ILE B 21 -18.96 18.99 -6.18
N MET B 22 -17.78 19.30 -6.71
N MET B 22 -17.78 19.29 -6.71
CA MET B 22 -17.56 19.14 -8.13
CA MET B 22 -17.59 19.13 -8.15
C MET B 22 -17.64 17.67 -8.53
C MET B 22 -17.61 17.66 -8.56
N CYS B 23 -17.15 16.77 -7.68
CA CYS B 23 -17.27 15.34 -7.99
C CYS B 23 -18.71 14.87 -8.00
N LEU B 24 -19.55 15.43 -7.12
CA LEU B 24 -20.95 15.07 -7.11
C LEU B 24 -21.64 15.55 -8.37
N ALA B 25 -21.28 16.75 -8.83
CA ALA B 25 -21.92 17.31 -10.02
C ALA B 25 -21.55 16.52 -11.27
N ARG B 26 -20.31 16.01 -11.36
CA ARG B 26 -19.83 15.41 -12.60
C ARG B 26 -19.46 13.93 -12.45
N GLN B 27 -19.56 13.36 -11.25
CA GLN B 27 -19.29 11.94 -10.98
C GLN B 27 -17.94 11.50 -11.52
N ILE B 28 -16.93 12.35 -11.32
CA ILE B 28 -15.57 12.01 -11.77
C ILE B 28 -15.05 10.72 -11.13
N PRO B 29 -15.22 10.48 -9.82
CA PRO B 29 -14.76 9.19 -9.27
C PRO B 29 -15.39 7.98 -9.94
N GLN B 30 -16.71 8.02 -10.16
CA GLN B 30 -17.40 6.89 -10.77
C GLN B 30 -17.00 6.73 -12.22
N ALA B 31 -16.83 7.85 -12.93
CA ALA B 31 -16.41 7.78 -14.31
C ALA B 31 -15.00 7.19 -14.42
N THR B 32 -14.11 7.56 -13.49
CA THR B 32 -12.76 6.99 -13.52
C THR B 32 -12.81 5.49 -13.31
N ALA B 33 -13.61 5.04 -12.36
CA ALA B 33 -13.76 3.60 -12.15
C ALA B 33 -14.36 2.93 -13.38
N SER B 34 -15.32 3.57 -14.04
CA SER B 34 -15.88 3.00 -15.25
C SER B 34 -14.83 2.88 -16.34
N MET B 35 -14.03 3.93 -16.50
CA MET B 35 -12.98 3.89 -17.51
C MET B 35 -11.97 2.79 -17.24
N LYS B 36 -11.62 2.59 -15.97
CA LYS B 36 -10.60 1.59 -15.64
C LYS B 36 -11.12 0.19 -15.80
N ASP B 37 -12.45 0.02 -15.83
CA ASP B 37 -13.10 -1.25 -16.15
C ASP B 37 -13.28 -1.43 -17.64
N GLY B 38 -12.71 -0.54 -18.46
CA GLY B 38 -12.77 -0.68 -19.89
C GLY B 38 -14.04 -0.19 -20.54
N LYS B 39 -14.88 0.55 -19.81
CA LYS B 39 -16.15 1.02 -20.33
C LYS B 39 -16.03 2.47 -20.79
N TRP B 40 -16.97 2.88 -21.66
CA TRP B 40 -17.08 4.23 -22.21
C TRP B 40 -18.55 4.63 -22.10
N GLU B 41 -18.94 5.14 -20.93
CA GLU B 41 -20.35 5.31 -20.58
C GLU B 41 -20.72 6.79 -20.53
N ARG B 42 -20.83 7.41 -21.70
CA ARG B 42 -21.08 8.85 -21.73
C ARG B 42 -22.47 9.19 -21.18
N LYS B 43 -23.49 8.40 -21.53
CA LYS B 43 -24.85 8.71 -21.09
C LYS B 43 -25.01 8.53 -19.59
N LYS B 44 -24.38 7.49 -19.02
CA LYS B 44 -24.54 7.21 -17.59
C LYS B 44 -24.03 8.34 -16.73
N PHE B 45 -23.00 9.06 -17.19
CA PHE B 45 -22.32 10.04 -16.36
C PHE B 45 -22.60 11.48 -16.81
N MET B 46 -23.70 11.68 -17.52
CA MET B 46 -24.25 13.02 -17.75
C MET B 46 -24.42 13.74 -16.42
N GLY B 47 -23.80 14.90 -16.28
CA GLY B 47 -23.75 15.59 -15.02
C GLY B 47 -24.59 16.85 -14.99
N THR B 48 -24.26 17.73 -14.04
CA THR B 48 -25.00 18.95 -13.76
C THR B 48 -24.03 20.11 -13.77
N GLU B 49 -24.45 21.22 -14.36
CA GLU B 49 -23.68 22.45 -14.30
C GLU B 49 -23.90 23.11 -12.94
N LEU B 50 -22.81 23.57 -12.32
CA LEU B 50 -22.90 24.19 -11.00
C LEU B 50 -23.38 25.64 -11.07
N ASN B 51 -23.06 26.32 -12.17
CA ASN B 51 -23.48 27.70 -12.37
C ASN B 51 -24.98 27.85 -12.20
N GLY B 52 -25.40 28.78 -11.34
CA GLY B 52 -26.79 29.06 -11.13
C GLY B 52 -27.48 28.15 -10.15
N LYS B 53 -26.81 27.11 -9.67
CA LYS B 53 -27.43 26.21 -8.70
C LYS B 53 -27.25 26.78 -7.29
N THR B 54 -28.10 26.32 -6.38
CA THR B 54 -28.10 26.80 -5.01
C THR B 54 -27.33 25.84 -4.12
N LEU B 55 -26.36 26.38 -3.39
CA LEU B 55 -25.59 25.65 -2.39
C LEU B 55 -26.02 26.13 -1.01
N GLY B 56 -26.46 25.21 -0.16
CA GLY B 56 -26.76 25.50 1.23
C GLY B 56 -25.58 25.14 2.10
N ILE B 57 -25.17 26.09 2.92
CA ILE B 57 -24.00 25.96 3.78
C ILE B 57 -24.47 26.01 5.22
N LEU B 58 -24.42 24.87 5.92
CA LEU B 58 -24.88 24.77 7.29
C LEU B 58 -23.66 24.91 8.22
N GLY B 59 -23.58 26.05 8.91
CA GLY B 59 -22.40 26.37 9.69
C GLY B 59 -21.51 27.36 8.96
N LEU B 60 -21.42 28.58 9.46
CA LEU B 60 -20.77 29.66 8.74
C LEU B 60 -19.55 30.15 9.49
N GLY B 61 -18.77 29.22 10.01
CA GLY B 61 -17.47 29.52 10.57
C GLY B 61 -16.43 29.62 9.46
N ARG B 62 -15.17 29.49 9.87
CA ARG B 62 -14.07 29.71 8.93
C ARG B 62 -14.19 28.82 7.69
N ILE B 63 -14.44 27.53 7.88
CA ILE B 63 -14.46 26.62 6.73
C ILE B 63 -15.68 26.87 5.85
N GLY B 64 -16.85 27.07 6.47
CA GLY B 64 -18.04 27.40 5.71
C GLY B 64 -17.88 28.63 4.84
N ARG B 65 -17.24 29.67 5.37
CA ARG B 65 -17.04 30.89 4.59
C ARG B 65 -16.07 30.66 3.44
N GLU B 66 -15.01 29.87 3.68
N GLU B 66 -15.01 29.88 3.69
CA GLU B 66 -14.04 29.61 2.62
CA GLU B 66 -14.05 29.61 2.63
C GLU B 66 -14.67 28.78 1.50
C GLU B 66 -14.68 28.78 1.51
N VAL B 67 -15.56 27.84 1.86
CA VAL B 67 -16.28 27.10 0.83
C VAL B 67 -17.19 28.04 0.05
N ALA B 68 -17.85 28.96 0.77
CA ALA B 68 -18.75 29.90 0.11
C ALA B 68 -18.04 30.73 -0.96
N THR B 69 -16.91 31.36 -0.61
N THR B 69 -16.90 31.35 -0.62
CA THR B 69 -16.24 32.22 -1.59
CA THR B 69 -16.25 32.22 -1.60
C THR B 69 -15.73 31.43 -2.78
C THR B 69 -15.69 31.45 -2.79
N ARG B 70 -15.27 30.19 -2.57
CA ARG B 70 -14.81 29.38 -3.71
C ARG B 70 -15.97 29.00 -4.61
N MET B 71 -17.06 28.51 -4.02
CA MET B 71 -18.17 28.12 -4.88
C MET B 71 -18.91 29.31 -5.45
N GLN B 72 -18.80 30.51 -4.84
CA GLN B 72 -19.34 31.70 -5.50
C GLN B 72 -18.67 31.95 -6.85
N SER B 73 -17.38 31.63 -6.98
CA SER B 73 -16.69 31.85 -8.25
C SER B 73 -17.21 30.94 -9.36
N PHE B 74 -17.92 29.88 -9.01
CA PHE B 74 -18.60 29.02 -9.97
C PHE B 74 -19.99 29.52 -10.31
N GLY B 75 -20.41 30.66 -9.76
CA GLY B 75 -21.76 31.12 -10.03
C GLY B 75 -22.82 30.42 -9.21
N MET B 76 -22.44 29.74 -8.14
CA MET B 76 -23.42 29.13 -7.26
C MET B 76 -24.06 30.20 -6.40
N LYS B 77 -25.36 30.08 -6.20
CA LYS B 77 -26.05 30.89 -5.20
C LYS B 77 -25.81 30.24 -3.84
N THR B 78 -25.16 30.97 -2.92
CA THR B 78 -24.76 30.43 -1.63
C THR B 78 -25.71 30.94 -0.56
N ILE B 79 -26.50 30.03 0.02
CA ILE B 79 -27.36 30.36 1.16
C ILE B 79 -26.90 29.52 2.34
N GLY B 80 -27.39 29.86 3.54
CA GLY B 80 -26.99 29.06 4.67
C GLY B 80 -27.66 29.48 5.96
N TYR B 81 -27.22 28.81 7.02
CA TYR B 81 -27.72 29.01 8.36
C TYR B 81 -26.58 28.84 9.34
N ASP B 82 -26.56 29.71 10.35
CA ASP B 82 -25.65 29.62 11.48
C ASP B 82 -26.28 30.42 12.61
N PRO B 83 -26.50 29.79 13.77
CA PRO B 83 -27.16 30.50 14.87
C PRO B 83 -26.25 31.46 15.60
N ILE B 84 -24.96 31.48 15.29
CA ILE B 84 -24.05 32.42 15.92
C ILE B 84 -23.91 33.69 15.09
N ILE B 85 -24.02 33.57 13.76
CA ILE B 85 -23.82 34.64 12.80
C ILE B 85 -25.15 35.31 12.49
N SER B 86 -25.12 36.64 12.31
CA SER B 86 -26.32 37.36 11.90
C SER B 86 -26.43 37.40 10.38
N PRO B 87 -27.65 37.52 9.85
CA PRO B 87 -27.79 37.65 8.38
C PRO B 87 -27.02 38.82 7.82
N GLU B 88 -26.84 39.89 8.62
CA GLU B 88 -26.04 41.03 8.15
C GLU B 88 -24.59 40.64 7.92
N VAL B 89 -24.00 39.89 8.84
CA VAL B 89 -22.61 39.49 8.68
C VAL B 89 -22.46 38.48 7.55
N SER B 90 -23.35 37.49 7.49
CA SER B 90 -23.24 36.49 6.41
C SER B 90 -23.41 37.13 5.03
N ALA B 91 -24.33 38.09 4.90
CA ALA B 91 -24.48 38.79 3.62
C ALA B 91 -23.19 39.44 3.18
N SER B 92 -22.35 39.85 4.13
CA SER B 92 -21.10 40.53 3.81
C SER B 92 -20.11 39.62 3.11
N PHE B 93 -20.21 38.29 3.27
CA PHE B 93 -19.39 37.38 2.47
C PHE B 93 -20.23 36.59 1.47
N GLY B 94 -21.37 37.15 1.05
CA GLY B 94 -22.13 36.63 -0.06
C GLY B 94 -23.04 35.47 0.27
N VAL B 95 -23.31 35.21 1.54
CA VAL B 95 -24.18 34.11 1.94
C VAL B 95 -25.49 34.67 2.49
N GLN B 96 -26.60 34.34 1.86
CA GLN B 96 -27.90 34.76 2.36
C GLN B 96 -28.35 33.79 3.44
N GLN B 97 -28.47 34.29 4.67
CA GLN B 97 -28.89 33.46 5.79
C GLN B 97 -30.41 33.38 5.84
N LEU B 98 -30.93 32.19 6.00
CA LEU B 98 -32.36 31.95 6.10
C LEU B 98 -32.59 31.00 7.27
N PRO B 99 -33.81 30.95 7.79
CA PRO B 99 -34.14 29.90 8.76
C PRO B 99 -33.98 28.54 8.11
N LEU B 100 -33.47 27.59 8.89
CA LEU B 100 -33.20 26.23 8.45
C LEU B 100 -34.33 25.64 7.61
N GLU B 101 -35.58 25.84 8.05
CA GLU B 101 -36.71 25.24 7.36
C GLU B 101 -36.94 25.85 5.98
N GLU B 102 -36.49 27.08 5.74
CA GLU B 102 -36.56 27.66 4.41
C GLU B 102 -35.40 27.20 3.52
N ILE B 103 -34.30 26.76 4.13
CA ILE B 103 -33.12 26.36 3.37
C ILE B 103 -33.36 25.05 2.64
N TRP B 104 -33.90 24.04 3.35
CA TRP B 104 -34.03 22.69 2.79
C TRP B 104 -34.64 22.66 1.39
N PRO B 105 -35.82 23.23 1.12
CA PRO B 105 -36.42 23.09 -0.23
C PRO B 105 -35.69 23.87 -1.32
N LEU B 106 -34.76 24.75 -0.97
CA LEU B 106 -34.10 25.59 -1.97
C LEU B 106 -32.82 24.98 -2.53
N CYS B 107 -32.22 24.03 -1.84
CA CYS B 107 -30.85 23.61 -2.14
C CYS B 107 -30.76 22.56 -3.23
N ASP B 108 -29.80 22.73 -4.12
CA ASP B 108 -29.38 21.67 -5.01
C ASP B 108 -28.26 20.86 -4.38
N PHE B 109 -27.42 21.51 -3.59
CA PHE B 109 -26.32 20.89 -2.86
C PHE B 109 -26.37 21.41 -1.43
N ILE B 110 -26.04 20.54 -0.47
CA ILE B 110 -25.95 20.92 0.93
C ILE B 110 -24.61 20.44 1.47
N THR B 111 -23.89 21.32 2.16
CA THR B 111 -22.63 20.95 2.80
C THR B 111 -22.69 21.42 4.24
N VAL B 112 -22.16 20.60 5.16
CA VAL B 112 -22.27 20.88 6.59
C VAL B 112 -20.90 21.23 7.14
N HIS B 113 -20.83 22.28 7.95
CA HIS B 113 -19.59 22.79 8.52
C HIS B 113 -19.81 23.27 9.93
N THR B 114 -20.56 22.54 10.68
CA THR B 114 -20.83 22.81 12.08
C THR B 114 -19.92 21.97 12.97
N PRO B 115 -19.74 22.35 14.23
CA PRO B 115 -19.22 21.40 15.19
C PRO B 115 -20.23 20.27 15.38
N LEU B 116 -19.76 19.17 15.96
CA LEU B 116 -20.63 18.07 16.35
C LEU B 116 -21.13 18.36 17.76
N LEU B 117 -22.41 18.65 17.87
CA LEU B 117 -23.07 19.04 19.11
C LEU B 117 -24.36 18.25 19.22
N PRO B 118 -25.02 18.30 20.38
CA PRO B 118 -26.37 17.71 20.45
C PRO B 118 -27.31 18.28 19.40
N SER B 119 -27.25 19.61 19.18
CA SER B 119 -28.12 20.25 18.20
C SER B 119 -27.78 19.89 16.76
N THR B 120 -26.58 19.38 16.48
CA THR B 120 -26.18 19.10 15.11
C THR B 120 -26.04 17.60 14.79
N THR B 121 -26.18 16.71 15.78
CA THR B 121 -26.18 15.28 15.48
C THR B 121 -27.45 14.92 14.72
N GLY B 122 -27.30 14.34 13.54
CA GLY B 122 -28.48 14.06 12.73
C GLY B 122 -29.19 15.31 12.25
N LEU B 123 -28.44 16.38 12.03
CA LEU B 123 -29.00 17.60 11.46
C LEU B 123 -29.78 17.29 10.20
N LEU B 124 -29.17 16.50 9.31
CA LEU B 124 -29.85 15.89 8.18
C LEU B 124 -30.34 14.51 8.61
N ASN B 125 -31.65 14.32 8.58
CA ASN B 125 -32.29 13.07 8.99
C ASN B 125 -33.50 12.85 8.11
N ASP B 126 -34.33 11.85 8.44
CA ASP B 126 -35.47 11.52 7.58
C ASP B 126 -36.40 12.70 7.41
N ASN B 127 -36.65 13.46 8.48
CA ASN B 127 -37.54 14.61 8.40
C ASN B 127 -36.96 15.72 7.53
N THR B 128 -35.70 16.09 7.73
CA THR B 128 -35.15 17.19 6.94
C THR B 128 -34.84 16.75 5.50
N PHE B 129 -34.45 15.50 5.29
CA PHE B 129 -34.32 14.99 3.92
C PHE B 129 -35.66 15.08 3.18
N ALA B 130 -36.76 14.81 3.87
CA ALA B 130 -38.08 14.89 3.25
C ALA B 130 -38.45 16.32 2.86
N GLN B 131 -37.86 17.32 3.50
CA GLN B 131 -38.11 18.72 3.14
C GLN B 131 -37.24 19.22 1.99
N CYS B 132 -36.24 18.45 1.56
CA CYS B 132 -35.32 18.88 0.52
C CYS B 132 -35.92 18.74 -0.88
N LYS B 133 -35.24 19.34 -1.85
CA LYS B 133 -35.55 19.09 -3.24
C LYS B 133 -35.22 17.64 -3.57
N LYS B 134 -36.09 16.99 -4.34
CA LYS B 134 -35.78 15.63 -4.76
C LYS B 134 -34.53 15.69 -5.62
N GLY B 135 -33.55 14.85 -5.29
CA GLY B 135 -32.29 14.84 -6.02
C GLY B 135 -31.21 15.70 -5.41
N VAL B 136 -31.41 16.17 -4.17
CA VAL B 136 -30.38 16.96 -3.50
C VAL B 136 -29.09 16.14 -3.41
N ARG B 137 -27.96 16.83 -3.48
CA ARG B 137 -26.66 16.22 -3.28
C ARG B 137 -26.04 16.78 -2.02
N VAL B 138 -25.46 15.91 -1.19
CA VAL B 138 -25.09 16.24 0.18
C VAL B 138 -23.61 15.98 0.39
N VAL B 139 -22.93 16.89 1.10
CA VAL B 139 -21.51 16.76 1.39
C VAL B 139 -21.33 16.80 2.91
N ASN B 140 -20.57 15.86 3.45
CA ASN B 140 -20.11 15.94 4.83
C ASN B 140 -18.60 15.73 4.88
N CYS B 141 -17.86 16.85 4.94
CA CYS B 141 -16.44 16.86 5.23
C CYS B 141 -16.17 17.47 6.59
N ALA B 142 -17.16 17.45 7.48
CA ALA B 142 -17.05 18.08 8.79
C ALA B 142 -16.82 17.03 9.85
N ARG B 143 -17.90 16.43 10.36
CA ARG B 143 -17.80 15.45 11.43
C ARG B 143 -18.79 14.32 11.19
N GLY B 144 -18.35 13.09 11.45
CA GLY B 144 -19.24 11.96 11.27
C GLY B 144 -20.40 12.03 12.24
N GLY B 145 -21.61 11.85 11.74
CA GLY B 145 -22.81 11.94 12.55
C GLY B 145 -23.68 13.15 12.29
N ILE B 146 -23.14 14.23 11.71
CA ILE B 146 -23.98 15.39 11.42
C ILE B 146 -25.08 15.01 10.44
N VAL B 147 -24.73 14.20 9.44
CA VAL B 147 -25.71 13.57 8.56
C VAL B 147 -26.01 12.19 9.14
N ASP B 148 -27.29 11.95 9.46
CA ASP B 148 -27.69 10.63 9.96
C ASP B 148 -27.48 9.61 8.85
N GLU B 149 -26.59 8.65 9.09
CA GLU B 149 -26.13 7.77 8.01
C GLU B 149 -27.24 6.82 7.55
N GLY B 150 -28.09 6.36 8.47
CA GLY B 150 -29.24 5.57 8.06
C GLY B 150 -30.21 6.35 7.19
N ALA B 151 -30.51 7.59 7.57
CA ALA B 151 -31.42 8.44 6.79
C ALA B 151 -30.82 8.78 5.43
N LEU B 152 -29.52 9.02 5.38
CA LEU B 152 -28.86 9.28 4.10
C LEU B 152 -29.02 8.10 3.16
N LEU B 153 -28.80 6.89 3.66
CA LEU B 153 -28.95 5.70 2.81
C LEU B 153 -30.37 5.54 2.33
N ARG B 154 -31.34 5.77 3.21
CA ARG B 154 -32.75 5.71 2.79
C ARG B 154 -33.02 6.72 1.69
N ALA B 155 -32.47 7.93 1.83
CA ALA B 155 -32.69 8.95 0.80
C ALA B 155 -32.04 8.58 -0.53
N LEU B 156 -30.86 7.93 -0.47
CA LEU B 156 -30.18 7.53 -1.71
C LEU B 156 -30.91 6.41 -2.41
N GLN B 157 -31.43 5.44 -1.65
CA GLN B 157 -32.14 4.32 -2.26
C GLN B 157 -33.46 4.78 -2.88
N SER B 158 -34.08 5.81 -2.30
CA SER B 158 -35.35 6.30 -2.83
C SER B 158 -35.16 7.28 -3.97
N GLY B 159 -33.98 7.89 -4.10
CA GLY B 159 -33.76 8.95 -5.05
C GLY B 159 -33.98 10.33 -4.49
N GLN B 160 -34.45 10.46 -3.25
CA GLN B 160 -34.61 11.78 -2.64
C GLN B 160 -33.26 12.51 -2.59
N CYS B 161 -32.19 11.77 -2.33
CA CYS B 161 -30.83 12.27 -2.44
C CYS B 161 -30.19 11.61 -3.66
N ALA B 162 -29.75 12.43 -4.61
CA ALA B 162 -29.15 11.92 -5.83
C ALA B 162 -27.68 11.54 -5.67
N GLY B 163 -27.05 11.90 -4.56
CA GLY B 163 -25.65 11.61 -4.38
C GLY B 163 -25.09 12.21 -3.11
N ALA B 164 -24.04 11.60 -2.58
CA ALA B 164 -23.45 12.08 -1.34
C ALA B 164 -21.94 11.90 -1.40
N ALA B 165 -21.23 12.83 -0.77
CA ALA B 165 -19.78 12.76 -0.67
C ALA B 165 -19.42 12.83 0.80
N LEU B 166 -18.74 11.80 1.30
CA LEU B 166 -18.47 11.66 2.73
C LEU B 166 -16.97 11.52 2.96
N ASP B 167 -16.41 12.45 3.74
CA ASP B 167 -15.04 12.32 4.23
C ASP B 167 -15.01 11.79 5.66
N VAL B 168 -16.14 11.80 6.34
CA VAL B 168 -16.21 11.49 7.76
C VAL B 168 -17.37 10.54 8.00
N PHE B 169 -17.23 9.72 9.03
CA PHE B 169 -18.23 8.72 9.36
C PHE B 169 -18.38 8.63 10.86
N THR B 170 -19.56 8.23 11.32
CA THR B 170 -19.79 8.08 12.75
C THR B 170 -18.81 7.11 13.36
N GLU B 171 -18.45 6.07 12.61
CA GLU B 171 -17.39 5.14 12.97
C GLU B 171 -16.35 5.14 11.85
N GLU B 172 -15.07 5.26 12.21
CA GLU B 172 -14.00 5.37 11.22
C GLU B 172 -12.93 4.33 11.52
N PRO B 173 -12.67 3.36 10.63
CA PRO B 173 -13.44 3.10 9.41
C PRO B 173 -14.85 2.60 9.66
N PRO B 174 -15.79 2.93 8.76
CA PRO B 174 -17.17 2.49 8.95
C PRO B 174 -17.27 0.97 8.85
N ARG B 175 -18.00 0.37 9.78
CA ARG B 175 -18.24 -1.06 9.76
C ARG B 175 -19.42 -1.42 8.88
N ASP B 176 -20.48 -0.62 8.91
CA ASP B 176 -21.54 -0.73 7.91
C ASP B 176 -21.00 -0.18 6.60
N ARG B 177 -21.01 -0.99 5.54
CA ARG B 177 -20.42 -0.61 4.27
C ARG B 177 -21.45 -0.16 3.24
N ALA B 178 -22.73 -0.10 3.62
CA ALA B 178 -23.80 0.18 2.67
C ALA B 178 -23.62 1.56 2.03
N LEU B 179 -23.27 2.58 2.81
CA LEU B 179 -23.07 3.91 2.25
C LEU B 179 -21.87 3.93 1.32
N VAL B 180 -20.73 3.41 1.78
CA VAL B 180 -19.52 3.46 0.95
C VAL B 180 -19.76 2.73 -0.37
N ASP B 181 -20.50 1.62 -0.34
CA ASP B 181 -20.68 0.81 -1.53
C ASP B 181 -21.75 1.34 -2.48
N HIS B 182 -22.56 2.31 -2.05
CA HIS B 182 -23.60 2.81 -2.94
C HIS B 182 -23.00 3.54 -4.14
N GLU B 183 -23.59 3.31 -5.32
CA GLU B 183 -23.01 3.83 -6.56
C GLU B 183 -22.97 5.35 -6.59
N ASN B 184 -23.87 6.03 -5.87
CA ASN B 184 -23.94 7.48 -5.91
C ASN B 184 -23.21 8.13 -4.74
N VAL B 185 -22.41 7.37 -4.01
CA VAL B 185 -21.64 7.88 -2.89
C VAL B 185 -20.16 7.89 -3.24
N ILE B 186 -19.54 9.06 -3.06
CA ILE B 186 -18.11 9.28 -3.12
C ILE B 186 -17.61 9.39 -1.69
N SER B 187 -16.42 8.86 -1.42
CA SER B 187 -15.93 8.81 -0.05
C SER B 187 -14.41 8.84 -0.04
N CYS B 188 -13.88 9.24 1.10
CA CYS B 188 -12.46 9.35 1.38
C CYS B 188 -12.23 8.96 2.84
N PRO B 189 -11.03 8.45 3.17
CA PRO B 189 -10.70 8.08 4.56
C PRO B 189 -10.28 9.27 5.42
N HIS B 190 -11.19 10.21 5.59
CA HIS B 190 -10.97 11.39 6.42
C HIS B 190 -9.68 12.10 6.00
N LEU B 191 -9.64 12.49 4.73
CA LEU B 191 -8.51 13.20 4.19
C LEU B 191 -8.58 14.70 4.37
N GLY B 192 -9.59 15.20 5.08
CA GLY B 192 -9.80 16.63 5.20
C GLY B 192 -8.53 17.41 5.51
N ALA B 193 -7.70 16.88 6.41
CA ALA B 193 -6.45 17.55 6.79
C ALA B 193 -5.21 16.87 6.21
N SER B 194 -5.36 16.00 5.20
CA SER B 194 -4.26 15.18 4.70
C SER B 194 -3.60 15.86 3.50
N THR B 195 -2.93 16.98 3.79
CA THR B 195 -2.04 17.61 2.82
C THR B 195 -0.71 17.89 3.50
N LYS B 196 0.35 17.98 2.69
CA LYS B 196 1.66 18.34 3.24
C LYS B 196 1.64 19.71 3.90
N GLU B 197 0.92 20.66 3.29
CA GLU B 197 0.87 22.02 3.83
C GLU B 197 0.17 22.05 5.17
N ALA B 198 -0.85 21.20 5.37
CA ALA B 198 -1.55 21.12 6.64
C ALA B 198 -0.85 20.20 7.63
N GLN B 199 -0.01 19.28 7.15
CA GLN B 199 0.75 18.39 8.00
C GLN B 199 2.06 19.00 8.46
N SER B 200 2.62 19.93 7.69
CA SER B 200 3.84 20.63 8.10
C SER B 200 3.57 21.66 9.18
N ARG B 201 2.36 22.21 9.22
CA ARG B 201 2.02 23.22 10.22
C ARG B 201 1.92 22.60 11.62
N ASN C 9 23.05 -31.82 -1.54
CA ASN C 9 21.88 -32.30 -2.27
C ASN C 9 20.91 -31.16 -2.55
N SER C 10 19.79 -31.48 -3.21
CA SER C 10 18.83 -30.45 -3.57
C SER C 10 18.11 -29.89 -2.34
N LEU C 11 17.78 -30.74 -1.36
CA LEU C 11 16.95 -30.27 -0.24
C LEU C 11 17.66 -29.20 0.59
N SER C 12 18.97 -29.31 0.75
CA SER C 12 19.67 -28.31 1.56
C SER C 12 19.59 -26.94 0.92
N ALA C 13 19.74 -26.86 -0.40
CA ALA C 13 19.62 -25.56 -1.08
C ALA C 13 18.17 -25.08 -1.08
N ALA C 14 17.21 -25.98 -1.28
CA ALA C 14 15.80 -25.60 -1.21
C ALA C 14 15.42 -25.09 0.18
N GLU C 15 15.94 -25.76 1.22
CA GLU C 15 15.61 -25.32 2.58
C GLU C 15 16.22 -23.96 2.88
N LEU C 16 17.47 -23.74 2.47
CA LEU C 16 18.06 -22.43 2.68
C LEU C 16 17.27 -21.35 1.94
N THR C 17 16.90 -21.64 0.69
CA THR C 17 16.09 -20.69 -0.07
C THR C 17 14.82 -20.28 0.68
N CYS C 18 14.07 -21.27 1.17
CA CYS C 18 12.84 -20.96 1.91
C CYS C 18 13.15 -20.18 3.17
N GLY C 19 14.24 -20.54 3.86
CA GLY C 19 14.63 -19.78 5.03
C GLY C 19 14.93 -18.34 4.69
N MET C 20 15.56 -18.11 3.54
CA MET C 20 15.86 -16.74 3.12
C MET C 20 14.59 -15.96 2.81
N ILE C 21 13.62 -16.59 2.16
CA ILE C 21 12.35 -15.91 1.91
C ILE C 21 11.70 -15.48 3.23
N MET C 22 11.69 -16.37 4.23
N MET C 22 11.68 -16.37 4.22
CA MET C 22 11.06 -15.99 5.50
CA MET C 22 11.08 -16.01 5.50
C MET C 22 11.87 -14.91 6.20
C MET C 22 11.86 -14.91 6.19
N CYS C 23 13.20 -14.94 6.09
CA CYS C 23 14.01 -13.87 6.67
C CYS C 23 13.74 -12.53 5.99
N LEU C 24 13.51 -12.55 4.68
CA LEU C 24 13.21 -11.31 3.96
C LEU C 24 11.86 -10.76 4.37
N ALA C 25 10.88 -11.64 4.58
CA ALA C 25 9.54 -11.21 4.97
C ALA C 25 9.54 -10.61 6.37
N ARG C 26 10.36 -11.12 7.29
CA ARG C 26 10.29 -10.72 8.69
C ARG C 26 11.57 -10.10 9.23
N GLN C 27 12.62 -10.00 8.42
CA GLN C 27 13.88 -9.36 8.80
C GLN C 27 14.46 -9.93 10.10
N ILE C 28 14.41 -11.26 10.26
CA ILE C 28 14.95 -11.88 11.47
C ILE C 28 16.44 -11.60 11.63
N PRO C 29 17.29 -11.70 10.60
CA PRO C 29 18.72 -11.36 10.82
C PRO C 29 18.94 -9.96 11.32
N GLN C 30 18.27 -8.96 10.72
CA GLN C 30 18.44 -7.57 11.14
C GLN C 30 17.90 -7.35 12.54
N ALA C 31 16.77 -8.00 12.85
CA ALA C 31 16.21 -7.87 14.18
C ALA C 31 17.13 -8.47 15.23
N THR C 32 17.74 -9.62 14.94
CA THR C 32 18.70 -10.19 15.89
C THR C 32 19.87 -9.26 16.10
N ALA C 33 20.40 -8.67 15.02
CA ALA C 33 21.49 -7.72 15.19
C ALA C 33 21.06 -6.52 16.02
N SER C 34 19.83 -6.04 15.80
CA SER C 34 19.32 -4.92 16.58
C SER C 34 19.21 -5.28 18.06
N MET C 35 18.68 -6.47 18.35
CA MET C 35 18.57 -6.91 19.73
C MET C 35 19.93 -7.01 20.40
N LYS C 36 20.92 -7.54 19.67
CA LYS C 36 22.25 -7.72 20.27
C LYS C 36 22.95 -6.38 20.51
N ASP C 37 22.51 -5.32 19.84
CA ASP C 37 22.98 -3.97 20.10
C ASP C 37 22.19 -3.27 21.20
N GLY C 38 21.32 -4.00 21.89
CA GLY C 38 20.59 -3.45 23.01
C GLY C 38 19.35 -2.68 22.66
N LYS C 39 18.92 -2.75 21.41
CA LYS C 39 17.76 -2.01 20.93
C LYS C 39 16.51 -2.89 20.92
N TRP C 40 15.35 -2.23 20.94
CA TRP C 40 14.03 -2.88 20.89
C TRP C 40 13.19 -2.10 19.88
N GLU C 41 13.32 -2.45 18.61
CA GLU C 41 12.81 -1.63 17.50
C GLU C 41 11.64 -2.32 16.84
N ARG C 42 10.47 -2.29 17.51
CA ARG C 42 9.33 -3.01 16.97
C ARG C 42 8.82 -2.39 15.67
N LYS C 43 8.80 -1.06 15.57
CA LYS C 43 8.28 -0.45 14.36
C LYS C 43 9.21 -0.67 13.17
N LYS C 44 10.53 -0.61 13.39
CA LYS C 44 11.47 -0.72 12.29
C LYS C 44 11.38 -2.05 11.58
N PHE C 45 11.07 -3.12 12.32
CA PHE C 45 11.12 -4.47 11.76
C PHE C 45 9.74 -5.07 11.58
N MET C 46 8.72 -4.22 11.49
CA MET C 46 7.40 -4.58 10.98
C MET C 46 7.54 -5.26 9.63
N GLY C 47 7.05 -6.50 9.53
CA GLY C 47 7.31 -7.32 8.38
C GLY C 47 6.08 -7.55 7.51
N THR C 48 6.17 -8.60 6.69
CA THR C 48 5.20 -8.95 5.68
C THR C 48 4.72 -10.37 5.91
N GLU C 49 3.42 -10.58 5.76
CA GLU C 49 2.82 -11.91 5.77
C GLU C 49 3.05 -12.57 4.41
N LEU C 50 3.46 -13.84 4.42
CA LEU C 50 3.70 -14.56 3.17
C LEU C 50 2.41 -15.07 2.55
N ASN C 51 1.43 -15.40 3.39
CA ASN C 51 0.14 -15.88 2.91
C ASN C 51 -0.46 -14.93 1.88
N GLY C 52 -0.85 -15.47 0.73
CA GLY C 52 -1.50 -14.68 -0.29
C GLY C 52 -0.58 -13.91 -1.20
N LYS C 53 0.73 -13.90 -0.92
CA LYS C 53 1.69 -13.21 -1.75
C LYS C 53 2.15 -14.11 -2.89
N THR C 54 2.68 -13.51 -3.95
CA THR C 54 3.11 -14.22 -5.14
C THR C 54 4.61 -14.43 -5.11
N LEU C 55 5.03 -15.68 -5.26
CA LEU C 55 6.43 -16.07 -5.36
C LEU C 55 6.71 -16.46 -6.80
N GLY C 56 7.69 -15.81 -7.42
CA GLY C 56 8.14 -16.17 -8.76
C GLY C 56 9.38 -17.04 -8.68
N ILE C 57 9.32 -18.17 -9.36
CA ILE C 57 10.39 -19.17 -9.34
C ILE C 57 10.98 -19.28 -10.73
N LEU C 58 12.22 -18.80 -10.90
CA LEU C 58 12.91 -18.81 -12.18
C LEU C 58 13.79 -20.04 -12.25
N GLY C 59 13.40 -21.01 -13.08
CA GLY C 59 14.08 -22.29 -13.14
C GLY C 59 13.30 -23.34 -12.38
N LEU C 60 12.72 -24.32 -13.06
CA LEU C 60 11.79 -25.25 -12.42
C LEU C 60 12.35 -26.67 -12.42
N GLY C 61 13.65 -26.80 -12.15
CA GLY C 61 14.26 -28.09 -11.93
C GLY C 61 13.98 -28.55 -10.52
N ARG C 62 14.79 -29.50 -10.04
CA ARG C 62 14.49 -30.15 -8.76
C ARG C 62 14.40 -29.16 -7.61
N ILE C 63 15.36 -28.24 -7.51
CA ILE C 63 15.36 -27.32 -6.37
C ILE C 63 14.21 -26.33 -6.47
N GLY C 64 13.97 -25.79 -7.66
CA GLY C 64 12.83 -24.92 -7.86
C GLY C 64 11.51 -25.57 -7.46
N ARG C 65 11.33 -26.85 -7.81
CA ARG C 65 10.09 -27.55 -7.46
C ARG C 65 9.98 -27.76 -5.96
N GLU C 66 11.09 -28.06 -5.30
CA GLU C 66 11.04 -28.30 -3.86
C GLU C 66 10.75 -27.00 -3.11
N VAL C 67 11.29 -25.88 -3.59
CA VAL C 67 10.94 -24.58 -3.01
C VAL C 67 9.46 -24.29 -3.18
N ALA C 68 8.93 -24.58 -4.37
CA ALA C 68 7.51 -24.32 -4.65
C ALA C 68 6.61 -25.07 -3.67
N THR C 69 6.85 -26.36 -3.46
CA THR C 69 5.92 -27.10 -2.60
C THR C 69 6.03 -26.66 -1.15
N ARG C 70 7.22 -26.26 -0.69
CA ARG C 70 7.32 -25.77 0.68
C ARG C 70 6.60 -24.43 0.83
N MET C 71 6.86 -23.50 -0.09
CA MET C 71 6.22 -22.20 0.03
C MET C 71 4.73 -22.24 -0.30
N GLN C 72 4.25 -23.26 -1.05
CA GLN C 72 2.81 -23.42 -1.19
C GLN C 72 2.14 -23.67 0.15
N SER C 73 2.81 -24.36 1.08
CA SER C 73 2.22 -24.63 2.40
C SER C 73 2.02 -23.36 3.22
N PHE C 74 2.69 -22.27 2.85
CA PHE C 74 2.50 -20.96 3.47
C PHE C 74 1.40 -20.15 2.81
N GLY C 75 0.73 -20.69 1.80
CA GLY C 75 -0.29 -19.94 1.09
C GLY C 75 0.25 -18.99 0.05
N MET C 76 1.50 -19.15 -0.35
CA MET C 76 2.03 -18.32 -1.40
C MET C 76 1.51 -18.80 -2.74
N LYS C 77 1.20 -17.86 -3.62
CA LYS C 77 0.90 -18.16 -5.01
C LYS C 77 2.21 -18.36 -5.75
N THR C 78 2.43 -19.56 -6.30
CA THR C 78 3.71 -19.89 -6.93
C THR C 78 3.53 -19.85 -8.45
N ILE C 79 4.19 -18.89 -9.09
CA ILE C 79 4.27 -18.81 -10.54
C ILE C 79 5.73 -18.99 -10.94
N GLY C 80 5.97 -19.17 -12.23
CA GLY C 80 7.36 -19.28 -12.61
C GLY C 80 7.53 -19.42 -14.10
N TYR C 81 8.79 -19.62 -14.49
CA TYR C 81 9.18 -19.78 -15.88
C TYR C 81 10.33 -20.76 -15.95
N ASP C 82 10.30 -21.60 -16.98
CA ASP C 82 11.37 -22.53 -17.29
C ASP C 82 11.21 -22.93 -18.75
N PRO C 83 12.23 -22.72 -19.58
CA PRO C 83 12.10 -23.05 -21.01
C PRO C 83 12.21 -24.53 -21.33
N ILE C 84 12.53 -25.38 -20.36
CA ILE C 84 12.57 -26.82 -20.60
C ILE C 84 11.24 -27.48 -20.23
N ILE C 85 10.54 -26.92 -19.24
CA ILE C 85 9.31 -27.46 -18.66
C ILE C 85 8.13 -26.84 -19.38
N SER C 86 7.06 -27.63 -19.59
CA SER C 86 5.83 -27.12 -20.16
C SER C 86 4.88 -26.63 -19.08
N PRO C 87 3.98 -25.69 -19.40
CA PRO C 87 3.01 -25.25 -18.40
C PRO C 87 2.14 -26.37 -17.84
N GLU C 88 1.87 -27.41 -18.62
CA GLU C 88 1.10 -28.56 -18.13
C GLU C 88 1.88 -29.31 -17.06
N VAL C 89 3.19 -29.51 -17.27
CA VAL C 89 3.98 -30.21 -16.26
C VAL C 89 4.13 -29.38 -15.00
N SER C 90 4.41 -28.07 -15.13
CA SER C 90 4.56 -27.24 -13.94
C SER C 90 3.26 -27.14 -13.14
N ALA C 91 2.12 -27.06 -13.82
CA ALA C 91 0.84 -27.05 -13.12
C ALA C 91 0.67 -28.27 -12.24
N SER C 92 1.25 -29.41 -12.63
CA SER C 92 1.13 -30.64 -11.85
C SER C 92 1.79 -30.53 -10.48
N PHE C 93 2.78 -29.64 -10.31
CA PHE C 93 3.30 -29.37 -8.97
C PHE C 93 2.95 -27.95 -8.50
N GLY C 94 1.86 -27.39 -9.01
CA GLY C 94 1.27 -26.20 -8.43
C GLY C 94 1.91 -24.89 -8.85
N VAL C 95 2.71 -24.88 -9.91
CA VAL C 95 3.34 -23.67 -10.39
C VAL C 95 2.69 -23.27 -11.71
N GLN C 96 2.11 -22.06 -11.74
CA GLN C 96 1.53 -21.52 -12.96
C GLN C 96 2.65 -20.93 -13.79
N GLN C 97 2.92 -21.52 -14.95
CA GLN C 97 3.97 -21.01 -15.82
C GLN C 97 3.47 -19.88 -16.70
N LEU C 98 4.24 -18.81 -16.78
CA LEU C 98 3.92 -17.66 -17.60
C LEU C 98 5.17 -17.28 -18.37
N PRO C 99 5.04 -16.50 -19.44
CA PRO C 99 6.23 -15.95 -20.09
C PRO C 99 6.96 -15.02 -19.14
N LEU C 100 8.30 -15.08 -19.17
CA LEU C 100 9.15 -14.29 -18.30
C LEU C 100 8.71 -12.85 -18.10
N GLU C 101 8.33 -12.17 -19.18
CA GLU C 101 7.97 -10.75 -19.04
C GLU C 101 6.66 -10.55 -18.30
N GLU C 102 5.79 -11.57 -18.24
CA GLU C 102 4.57 -11.51 -17.45
C GLU C 102 4.84 -11.75 -15.98
N ILE C 103 5.95 -12.41 -15.66
CA ILE C 103 6.25 -12.77 -14.27
C ILE C 103 6.67 -11.54 -13.46
N TRP C 104 7.59 -10.74 -14.01
CA TRP C 104 8.17 -9.61 -13.28
C TRP C 104 7.12 -8.73 -12.60
N PRO C 105 6.09 -8.22 -13.27
CA PRO C 105 5.15 -7.31 -12.58
C PRO C 105 4.25 -7.98 -11.55
N LEU C 106 4.20 -9.31 -11.51
CA LEU C 106 3.28 -9.98 -10.59
C LEU C 106 3.91 -10.31 -9.24
N CYS C 107 5.23 -10.36 -9.15
CA CYS C 107 5.88 -10.99 -8.01
C CYS C 107 6.04 -10.06 -6.80
N ASP C 108 5.78 -10.62 -5.62
CA ASP C 108 6.23 -10.03 -4.37
C ASP C 108 7.62 -10.52 -3.98
N PHE C 109 7.94 -11.76 -4.33
CA PHE C 109 9.24 -12.38 -4.12
C PHE C 109 9.66 -13.08 -5.40
N ILE C 110 10.97 -13.06 -5.69
CA ILE C 110 11.54 -13.78 -6.81
C ILE C 110 12.73 -14.58 -6.31
N THR C 111 12.80 -15.86 -6.67
CA THR C 111 13.94 -16.69 -6.35
C THR C 111 14.39 -17.39 -7.62
N VAL C 112 15.70 -17.53 -7.80
CA VAL C 112 16.28 -18.03 -9.04
C VAL C 112 16.89 -19.40 -8.81
N HIS C 113 16.60 -20.34 -9.70
CA HIS C 113 17.06 -21.72 -9.57
C HIS C 113 17.43 -22.29 -10.92
N THR C 114 18.08 -21.51 -11.71
CA THR C 114 18.60 -21.86 -13.02
C THR C 114 20.08 -22.22 -12.93
N PRO C 115 20.61 -22.95 -13.89
CA PRO C 115 22.08 -22.99 -14.04
C PRO C 115 22.58 -21.62 -14.42
N LEU C 116 23.89 -21.43 -14.29
CA LEU C 116 24.54 -20.21 -14.77
C LEU C 116 24.91 -20.42 -16.22
N LEU C 117 24.22 -19.71 -17.12
CA LEU C 117 24.39 -19.84 -18.56
C LEU C 117 24.49 -18.45 -19.14
N PRO C 118 24.90 -18.34 -20.42
CA PRO C 118 24.81 -17.02 -21.07
C PRO C 118 23.42 -16.45 -21.04
N SER C 119 22.41 -17.31 -21.21
CA SER C 119 21.01 -16.88 -21.15
C SER C 119 20.56 -16.47 -19.75
N THR C 120 21.27 -16.90 -18.70
CA THR C 120 20.87 -16.60 -17.33
C THR C 120 21.81 -15.66 -16.58
N THR C 121 22.94 -15.28 -17.18
CA THR C 121 23.81 -14.29 -16.55
C THR C 121 23.15 -12.93 -16.59
N GLY C 122 22.98 -12.31 -15.43
CA GLY C 122 22.27 -11.05 -15.41
C GLY C 122 20.81 -11.19 -15.79
N LEU C 123 20.22 -12.34 -15.49
CA LEU C 123 18.78 -12.54 -15.71
C LEU C 123 17.97 -11.44 -15.06
N LEU C 124 18.29 -11.12 -13.79
CA LEU C 124 17.78 -9.93 -13.13
C LEU C 124 18.80 -8.82 -13.35
N ASN C 125 18.38 -7.75 -14.02
CA ASN C 125 19.26 -6.64 -14.34
C ASN C 125 18.44 -5.36 -14.25
N ASP C 126 19.03 -4.24 -14.68
CA ASP C 126 18.33 -2.97 -14.55
C ASP C 126 17.01 -2.98 -15.32
N ASN C 127 16.99 -3.61 -16.49
CA ASN C 127 15.77 -3.64 -17.30
C ASN C 127 14.69 -4.48 -16.63
N THR C 128 15.03 -5.69 -16.19
CA THR C 128 14.02 -6.54 -15.56
C THR C 128 13.67 -6.06 -14.15
N PHE C 129 14.64 -5.50 -13.40
CA PHE C 129 14.27 -4.90 -12.12
C PHE C 129 13.24 -3.81 -12.30
N ALA C 130 13.36 -3.02 -13.38
CA ALA C 130 12.42 -1.95 -13.65
C ALA C 130 11.02 -2.47 -13.98
N GLN C 131 10.93 -3.71 -14.46
CA GLN C 131 9.65 -4.35 -14.75
C GLN C 131 9.00 -4.99 -13.52
N CYS C 132 9.73 -5.07 -12.41
CA CYS C 132 9.16 -5.74 -11.24
C CYS C 132 8.20 -4.79 -10.52
N LYS C 133 7.38 -5.36 -9.66
CA LYS C 133 6.57 -4.54 -8.77
C LYS C 133 7.48 -3.85 -7.74
N LYS C 134 7.18 -2.59 -7.43
CA LYS C 134 7.98 -1.85 -6.46
C LYS C 134 7.97 -2.53 -5.10
N GLY C 135 9.16 -2.72 -4.54
CA GLY C 135 9.28 -3.37 -3.26
C GLY C 135 9.50 -4.86 -3.35
N VAL C 136 9.82 -5.37 -4.54
CA VAL C 136 10.08 -6.80 -4.72
C VAL C 136 11.24 -7.24 -3.83
N ARG C 137 11.17 -8.48 -3.35
CA ARG C 137 12.27 -9.06 -2.60
C ARG C 137 12.85 -10.22 -3.39
N VAL C 138 14.18 -10.30 -3.44
CA VAL C 138 14.87 -11.19 -4.37
C VAL C 138 15.77 -12.15 -3.60
N VAL C 139 15.77 -13.41 -4.00
CA VAL C 139 16.60 -14.44 -3.38
C VAL C 139 17.50 -15.03 -4.45
N ASN C 140 18.79 -15.15 -4.15
CA ASN C 140 19.69 -15.92 -5.00
C ASN C 140 20.49 -16.87 -4.12
N CYS C 141 20.02 -18.12 -4.06
CA CYS C 141 20.75 -19.25 -3.50
C CYS C 141 21.19 -20.22 -4.58
N ALA C 142 21.31 -19.75 -5.81
CA ALA C 142 21.66 -20.63 -6.92
C ALA C 142 23.12 -20.46 -7.34
N ARG C 143 23.40 -19.47 -8.19
CA ARG C 143 24.75 -19.20 -8.64
C ARG C 143 25.00 -17.71 -8.74
N GLY C 144 26.19 -17.28 -8.32
CA GLY C 144 26.53 -15.88 -8.38
C GLY C 144 26.59 -15.39 -9.81
N GLY C 145 25.96 -14.25 -10.09
CA GLY C 145 25.90 -13.71 -11.44
C GLY C 145 24.54 -13.78 -12.07
N ILE C 146 23.66 -14.68 -11.61
CA ILE C 146 22.32 -14.74 -12.17
C ILE C 146 21.58 -13.43 -11.92
N VAL C 147 21.74 -12.87 -10.71
CA VAL C 147 21.30 -11.52 -10.39
C VAL C 147 22.48 -10.59 -10.62
N ASP C 148 22.32 -9.61 -11.51
CA ASP C 148 23.38 -8.63 -11.76
C ASP C 148 23.58 -7.80 -10.49
N GLU C 149 24.77 -7.89 -9.90
CA GLU C 149 24.97 -7.35 -8.55
C GLU C 149 24.92 -5.83 -8.53
N GLY C 150 25.46 -5.18 -9.56
CA GLY C 150 25.31 -3.73 -9.65
C GLY C 150 23.86 -3.31 -9.79
N ALA C 151 23.09 -4.01 -10.62
CA ALA C 151 21.67 -3.70 -10.79
C ALA C 151 20.90 -3.92 -9.50
N LEU C 152 21.23 -4.99 -8.78
CA LEU C 152 20.59 -5.24 -7.50
C LEU C 152 20.84 -4.09 -6.53
N LEU C 153 22.10 -3.65 -6.43
CA LEU C 153 22.43 -2.55 -5.52
C LEU C 153 21.69 -1.28 -5.91
N ARG C 154 21.65 -0.98 -7.21
CA ARG C 154 20.89 0.18 -7.67
C ARG C 154 19.42 0.05 -7.31
N ALA C 155 18.86 -1.16 -7.43
CA ALA C 155 17.46 -1.35 -7.08
C ALA C 155 17.22 -1.20 -5.58
N LEU C 156 18.19 -1.63 -4.76
CA LEU C 156 18.02 -1.51 -3.31
C LEU C 156 18.14 -0.06 -2.87
N GLN C 157 19.05 0.70 -3.47
CA GLN C 157 19.21 2.11 -3.11
C GLN C 157 17.99 2.94 -3.52
N SER C 158 17.33 2.55 -4.61
CA SER C 158 16.16 3.29 -5.07
C SER C 158 14.89 2.89 -4.34
N GLY C 159 14.86 1.71 -3.72
CA GLY C 159 13.66 1.19 -3.14
C GLY C 159 12.86 0.29 -4.05
N GLN C 160 13.25 0.19 -5.33
CA GLN C 160 12.57 -0.72 -6.25
C GLN C 160 12.66 -2.16 -5.75
N CYS C 161 13.80 -2.53 -5.19
CA CYS C 161 13.97 -3.80 -4.50
C CYS C 161 14.00 -3.51 -3.01
N ALA C 162 13.03 -4.05 -2.29
CA ALA C 162 12.92 -3.80 -0.86
C ALA C 162 13.87 -4.65 -0.03
N GLY C 163 14.50 -5.65 -0.63
CA GLY C 163 15.37 -6.53 0.11
C GLY C 163 15.88 -7.68 -0.72
N ALA C 164 17.05 -8.19 -0.36
CA ALA C 164 17.64 -9.29 -1.10
C ALA C 164 18.31 -10.24 -0.13
N ALA C 165 18.29 -11.53 -0.47
CA ALA C 165 18.98 -12.54 0.30
C ALA C 165 19.91 -13.29 -0.65
N LEU C 166 21.21 -13.25 -0.36
CA LEU C 166 22.22 -13.78 -1.27
C LEU C 166 23.06 -14.82 -0.55
N ASP C 167 23.07 -16.04 -1.08
CA ASP C 167 23.99 -17.06 -0.64
C ASP C 167 25.20 -17.17 -1.54
N VAL C 168 25.13 -16.57 -2.73
CA VAL C 168 26.15 -16.73 -3.77
C VAL C 168 26.48 -15.36 -4.35
N PHE C 169 27.72 -15.23 -4.81
CA PHE C 169 28.21 -13.97 -5.34
C PHE C 169 29.08 -14.22 -6.56
N THR C 170 29.15 -13.21 -7.43
CA THR C 170 29.98 -13.34 -8.63
C THR C 170 31.43 -13.62 -8.27
N GLU C 171 31.91 -13.03 -7.19
CA GLU C 171 33.21 -13.34 -6.59
C GLU C 171 32.98 -13.77 -5.15
N GLU C 172 33.61 -14.88 -4.75
CA GLU C 172 33.39 -15.44 -3.42
C GLU C 172 34.74 -15.65 -2.74
N PRO C 173 35.04 -14.94 -1.63
CA PRO C 173 34.22 -13.87 -1.02
C PRO C 173 34.17 -12.63 -1.88
N PRO C 174 33.05 -11.91 -1.86
CA PRO C 174 32.97 -10.68 -2.66
C PRO C 174 33.92 -9.62 -2.11
N ARG C 175 34.68 -8.98 -3.00
CA ARG C 175 35.56 -7.90 -2.56
C ARG C 175 34.80 -6.58 -2.53
N ASP C 176 33.87 -6.39 -3.47
CA ASP C 176 32.92 -5.30 -3.34
C ASP C 176 31.96 -5.66 -2.20
N ARG C 177 31.90 -4.82 -1.16
CA ARG C 177 31.11 -5.11 0.02
C ARG C 177 29.80 -4.34 0.07
N ALA C 178 29.49 -3.56 -0.97
CA ALA C 178 28.33 -2.69 -0.92
C ALA C 178 27.03 -3.46 -0.72
N LEU C 179 26.86 -4.58 -1.42
CA LEU C 179 25.66 -5.40 -1.26
C LEU C 179 25.58 -6.00 0.13
N VAL C 180 26.65 -6.66 0.57
CA VAL C 180 26.68 -7.32 1.88
C VAL C 180 26.39 -6.32 2.99
N ASP C 181 26.90 -5.09 2.84
CA ASP C 181 26.74 -4.07 3.88
C ASP C 181 25.39 -3.38 3.85
N HIS C 182 24.60 -3.52 2.78
CA HIS C 182 23.32 -2.86 2.73
C HIS C 182 22.37 -3.41 3.79
N GLU C 183 21.63 -2.50 4.47
CA GLU C 183 20.80 -2.91 5.62
C GLU C 183 19.71 -3.89 5.22
N ASN C 184 19.27 -3.86 3.95
CA ASN C 184 18.17 -4.71 3.50
C ASN C 184 18.65 -5.97 2.80
N VAL C 185 19.94 -6.28 2.90
CA VAL C 185 20.51 -7.49 2.34
C VAL C 185 20.87 -8.45 3.45
N ILE C 186 20.40 -9.68 3.31
CA ILE C 186 20.78 -10.82 4.13
C ILE C 186 21.70 -11.70 3.30
N SER C 187 22.73 -12.28 3.93
CA SER C 187 23.73 -13.01 3.17
C SER C 187 24.33 -14.11 4.01
N CYS C 188 24.90 -15.09 3.33
CA CYS C 188 25.56 -16.25 3.89
C CYS C 188 26.78 -16.57 3.03
N PRO C 189 27.81 -17.18 3.61
CA PRO C 189 29.00 -17.56 2.82
C PRO C 189 28.82 -18.86 2.04
N HIS C 190 27.85 -18.87 1.14
CA HIS C 190 27.56 -20.03 0.27
C HIS C 190 27.33 -21.29 1.10
N LEU C 191 26.36 -21.21 1.98
CA LEU C 191 25.99 -22.31 2.86
C LEU C 191 24.98 -23.27 2.23
N GLY C 192 24.62 -23.07 0.96
CA GLY C 192 23.57 -23.89 0.35
C GLY C 192 23.73 -25.38 0.58
N ALA C 193 24.96 -25.88 0.49
CA ALA C 193 25.21 -27.30 0.72
C ALA C 193 25.84 -27.58 2.07
N SER C 194 25.80 -26.62 3.00
CA SER C 194 26.54 -26.73 4.26
C SER C 194 25.63 -27.31 5.35
N THR C 195 25.28 -28.58 5.17
CA THR C 195 24.62 -29.37 6.20
C THR C 195 25.35 -30.70 6.33
N LYS C 196 25.22 -31.33 7.51
CA LYS C 196 25.79 -32.66 7.69
C LYS C 196 25.19 -33.65 6.70
N GLU C 197 23.90 -33.53 6.43
CA GLU C 197 23.20 -34.46 5.56
C GLU C 197 23.65 -34.33 4.11
N ALA C 198 23.95 -33.10 3.65
CA ALA C 198 24.38 -32.87 2.28
C ALA C 198 25.88 -33.07 2.07
N GLN C 199 26.65 -33.33 3.14
CA GLN C 199 28.07 -33.65 3.02
C GLN C 199 28.32 -35.15 2.88
N SER C 200 27.37 -35.89 2.32
CA SER C 200 27.51 -37.33 2.14
C SER C 200 27.60 -37.70 0.67
N ASN D 9 -3.14 -12.25 12.24
CA ASN D 9 -3.49 -12.87 13.51
C ASN D 9 -2.61 -14.10 13.80
N SER D 10 -3.21 -15.28 13.62
CA SER D 10 -2.50 -16.53 13.88
C SER D 10 -1.37 -16.73 12.89
N LEU D 11 -1.60 -16.38 11.62
CA LEU D 11 -0.61 -16.69 10.59
C LEU D 11 0.70 -15.95 10.80
N SER D 12 0.64 -14.70 11.28
CA SER D 12 1.88 -13.95 11.47
C SER D 12 2.78 -14.61 12.52
N ALA D 13 2.20 -15.08 13.62
CA ALA D 13 3.00 -15.80 14.60
C ALA D 13 3.48 -17.15 14.05
N ALA D 14 2.61 -17.87 13.34
CA ALA D 14 3.05 -19.15 12.79
C ALA D 14 4.17 -18.94 11.77
N GLU D 15 4.05 -17.90 10.96
CA GLU D 15 5.08 -17.66 9.95
C GLU D 15 6.40 -17.26 10.61
N LEU D 16 6.36 -16.41 11.64
CA LEU D 16 7.60 -16.09 12.35
C LEU D 16 8.20 -17.33 12.99
N THR D 17 7.35 -18.17 13.60
CA THR D 17 7.83 -19.41 14.20
C THR D 17 8.60 -20.25 13.19
N CYS D 18 8.01 -20.47 12.01
CA CYS D 18 8.69 -21.26 10.99
C CYS D 18 9.98 -20.59 10.56
N GLY D 19 9.98 -19.25 10.45
CA GLY D 19 11.20 -18.54 10.11
C GLY D 19 12.28 -18.74 11.16
N MET D 20 11.88 -18.77 12.44
CA MET D 20 12.84 -19.01 13.52
C MET D 20 13.42 -20.39 13.42
N ILE D 21 12.60 -21.39 13.10
CA ILE D 21 13.11 -22.75 12.97
C ILE D 21 14.17 -22.78 11.88
N MET D 22 13.87 -22.18 10.73
N MET D 22 13.85 -22.20 10.72
CA MET D 22 14.84 -22.21 9.64
CA MET D 22 14.81 -22.15 9.62
C MET D 22 16.09 -21.40 9.96
C MET D 22 16.10 -21.45 10.04
N CYS D 23 15.97 -20.31 10.74
CA CYS D 23 17.16 -19.57 11.12
C CYS D 23 18.02 -20.36 12.09
N LEU D 24 17.40 -21.16 12.97
CA LEU D 24 18.18 -22.01 13.85
C LEU D 24 18.86 -23.14 13.07
N ALA D 25 18.16 -23.72 12.09
CA ALA D 25 18.73 -24.85 11.35
C ALA D 25 19.95 -24.42 10.55
N ARG D 26 19.96 -23.21 10.00
CA ARG D 26 20.99 -22.76 9.08
C ARG D 26 21.79 -21.57 9.59
N GLN D 27 21.50 -21.06 10.79
CA GLN D 27 22.28 -19.97 11.41
C GLN D 27 22.35 -18.74 10.51
N ILE D 28 21.23 -18.43 9.86
CA ILE D 28 21.18 -17.28 8.94
C ILE D 28 21.46 -15.98 9.66
N PRO D 29 20.86 -15.67 10.82
CA PRO D 29 21.22 -14.38 11.47
C PRO D 29 22.70 -14.28 11.76
N GLN D 30 23.30 -15.35 12.30
CA GLN D 30 24.72 -15.32 12.63
C GLN D 30 25.57 -15.23 11.38
N ALA D 31 25.19 -15.94 10.33
CA ALA D 31 25.95 -15.87 9.07
C ALA D 31 25.89 -14.46 8.48
N THR D 32 24.72 -13.82 8.52
CA THR D 32 24.61 -12.46 8.01
C THR D 32 25.49 -11.49 8.81
N ALA D 33 25.50 -11.63 10.13
CA ALA D 33 26.37 -10.79 10.96
C ALA D 33 27.84 -11.05 10.65
N SER D 34 28.19 -12.32 10.42
CA SER D 34 29.57 -12.65 10.08
C SER D 34 29.97 -12.03 8.75
N MET D 35 29.09 -12.12 7.75
CA MET D 35 29.35 -11.50 6.45
C MET D 35 29.47 -10.00 6.58
N LYS D 36 28.61 -9.38 7.38
CA LYS D 36 28.67 -7.93 7.56
C LYS D 36 29.88 -7.50 8.37
N ASP D 37 30.51 -8.42 9.10
CA ASP D 37 31.78 -8.15 9.75
C ASP D 37 32.97 -8.44 8.83
N GLY D 38 32.72 -8.74 7.57
CA GLY D 38 33.76 -8.96 6.59
C GLY D 38 34.37 -10.33 6.56
N LYS D 39 33.76 -11.32 7.23
CA LYS D 39 34.30 -12.68 7.25
C LYS D 39 33.57 -13.56 6.25
N TRP D 40 34.22 -14.67 5.90
CA TRP D 40 33.67 -15.71 5.03
C TRP D 40 33.96 -17.04 5.74
N GLU D 41 33.11 -17.38 6.70
CA GLU D 41 33.37 -18.50 7.61
C GLU D 41 32.39 -19.64 7.30
N ARG D 42 32.65 -20.35 6.20
CA ARG D 42 31.72 -21.39 5.79
C ARG D 42 31.67 -22.54 6.79
N LYS D 43 32.81 -22.93 7.36
CA LYS D 43 32.84 -24.08 8.26
C LYS D 43 32.10 -23.78 9.55
N LYS D 44 32.22 -22.55 10.05
CA LYS D 44 31.60 -22.19 11.32
C LYS D 44 30.09 -22.42 11.30
N PHE D 45 29.46 -22.30 10.12
CA PHE D 45 28.01 -22.28 10.00
C PHE D 45 27.43 -23.53 9.34
N MET D 46 28.13 -24.65 9.40
CA MET D 46 27.54 -25.94 9.03
C MET D 46 26.24 -26.16 9.78
N GLY D 47 25.14 -26.33 9.03
CA GLY D 47 23.82 -26.37 9.59
C GLY D 47 23.16 -27.72 9.51
N THR D 48 21.82 -27.71 9.65
CA THR D 48 21.02 -28.92 9.75
C THR D 48 19.98 -28.93 8.65
N GLU D 49 19.84 -30.06 7.97
CA GLU D 49 18.74 -30.26 7.05
C GLU D 49 17.52 -30.58 7.88
N LEU D 50 16.38 -29.94 7.58
CA LEU D 50 15.18 -30.19 8.35
C LEU D 50 14.48 -31.48 7.94
N ASN D 51 14.58 -31.88 6.66
CA ASN D 51 13.94 -33.12 6.23
C ASN D 51 14.35 -34.28 7.13
N GLY D 52 13.34 -34.98 7.66
CA GLY D 52 13.52 -36.16 8.48
C GLY D 52 13.74 -35.89 9.95
N LYS D 53 13.90 -34.64 10.35
CA LYS D 53 14.09 -34.29 11.74
C LYS D 53 12.74 -34.18 12.45
N THR D 54 12.78 -34.30 13.77
CA THR D 54 11.57 -34.29 14.58
C THR D 54 11.36 -32.92 15.21
N LEU D 55 10.18 -32.35 15.00
CA LEU D 55 9.75 -31.09 15.60
C LEU D 55 8.69 -31.43 16.65
N GLY D 56 8.93 -31.00 17.90
CA GLY D 56 7.96 -31.14 18.96
C GLY D 56 7.17 -29.85 19.09
N ILE D 57 5.86 -29.98 19.08
CA ILE D 57 4.95 -28.84 19.12
C ILE D 57 4.16 -28.95 20.39
N LEU D 58 4.44 -28.05 21.34
CA LEU D 58 3.79 -28.05 22.65
C LEU D 58 2.66 -27.04 22.65
N GLY D 59 1.42 -27.53 22.67
CA GLY D 59 0.26 -26.67 22.50
C GLY D 59 -0.24 -26.75 21.07
N LEU D 60 -1.42 -27.32 20.88
CA LEU D 60 -1.92 -27.67 19.56
C LEU D 60 -3.20 -26.91 19.23
N GLY D 61 -3.23 -25.63 19.58
CA GLY D 61 -4.29 -24.75 19.13
C GLY D 61 -4.03 -24.29 17.71
N ARG D 62 -4.66 -23.18 17.33
CA ARG D 62 -4.64 -22.73 15.93
C ARG D 62 -3.22 -22.51 15.44
N ILE D 63 -2.38 -21.84 16.24
CA ILE D 63 -1.04 -21.53 15.79
C ILE D 63 -0.16 -22.77 15.75
N GLY D 64 -0.26 -23.63 16.76
CA GLY D 64 0.47 -24.88 16.71
C GLY D 64 0.16 -25.68 15.46
N ARG D 65 -1.12 -25.69 15.05
CA ARG D 65 -1.53 -26.42 13.85
C ARG D 65 -0.97 -25.78 12.59
N GLU D 66 -0.96 -24.44 12.53
CA GLU D 66 -0.42 -23.79 11.35
C GLU D 66 1.07 -24.04 11.19
N VAL D 67 1.81 -24.05 12.31
CA VAL D 67 3.23 -24.39 12.25
C VAL D 67 3.40 -25.84 11.77
N ALA D 68 2.60 -26.75 12.32
CA ALA D 68 2.71 -28.17 11.97
C ALA D 68 2.57 -28.38 10.47
N THR D 69 1.52 -27.83 9.88
CA THR D 69 1.32 -28.14 8.46
C THR D 69 2.38 -27.48 7.59
N ARG D 70 2.91 -26.32 7.99
CA ARG D 70 4.00 -25.74 7.23
C ARG D 70 5.26 -26.57 7.36
N MET D 71 5.63 -26.94 8.59
CA MET D 71 6.88 -27.67 8.74
C MET D 71 6.77 -29.11 8.24
N GLN D 72 5.55 -29.67 8.17
CA GLN D 72 5.37 -30.97 7.53
C GLN D 72 5.77 -30.92 6.06
N SER D 73 5.57 -29.77 5.40
CA SER D 73 5.94 -29.66 3.99
C SER D 73 7.45 -29.73 3.78
N PHE D 74 8.23 -29.53 4.83
CA PHE D 74 9.69 -29.69 4.82
C PHE D 74 10.12 -31.12 5.13
N GLY D 75 9.18 -32.05 5.30
CA GLY D 75 9.55 -33.39 5.67
C GLY D 75 9.88 -33.60 7.14
N MET D 76 9.49 -32.67 8.01
CA MET D 76 9.72 -32.85 9.44
C MET D 76 8.68 -33.81 10.02
N LYS D 77 9.12 -34.66 10.92
CA LYS D 77 8.21 -35.46 11.71
C LYS D 77 7.66 -34.59 12.83
N THR D 78 6.34 -34.35 12.84
CA THR D 78 5.75 -33.46 13.83
C THR D 78 5.07 -34.28 14.92
N ILE D 79 5.60 -34.19 16.14
CA ILE D 79 5.00 -34.76 17.33
C ILE D 79 4.66 -33.62 18.29
N GLY D 80 3.83 -33.91 19.27
CA GLY D 80 3.49 -32.83 20.19
C GLY D 80 2.59 -33.29 21.32
N TYR D 81 2.16 -32.31 22.10
CA TYR D 81 1.30 -32.60 23.22
C TYR D 81 0.35 -31.44 23.45
N ASP D 82 -0.87 -31.75 23.83
CA ASP D 82 -1.83 -30.75 24.23
C ASP D 82 -2.86 -31.47 25.08
N PRO D 83 -3.06 -31.05 26.33
CA PRO D 83 -3.98 -31.79 27.21
C PRO D 83 -5.45 -31.59 26.86
N ILE D 84 -5.78 -30.69 25.96
CA ILE D 84 -7.16 -30.47 25.56
C ILE D 84 -7.53 -31.32 24.34
N ILE D 85 -6.55 -31.58 23.48
CA ILE D 85 -6.74 -32.27 22.22
C ILE D 85 -6.46 -33.74 22.42
N SER D 86 -7.27 -34.59 21.78
CA SER D 86 -7.06 -36.02 21.85
C SER D 86 -6.08 -36.48 20.76
N PRO D 87 -5.38 -37.59 21.00
CA PRO D 87 -4.47 -38.11 19.96
C PRO D 87 -5.15 -38.38 18.63
N GLU D 88 -6.43 -38.77 18.63
CA GLU D 88 -7.10 -38.98 17.35
C GLU D 88 -7.30 -37.65 16.61
N VAL D 89 -7.62 -36.58 17.34
CA VAL D 89 -7.78 -35.27 16.71
C VAL D 89 -6.44 -34.76 16.20
N SER D 90 -5.38 -34.87 17.00
CA SER D 90 -4.09 -34.37 16.55
C SER D 90 -3.60 -35.14 15.33
N ALA D 91 -3.85 -36.45 15.27
CA ALA D 91 -3.49 -37.23 14.10
C ALA D 91 -4.14 -36.68 12.84
N SER D 92 -5.33 -36.11 12.97
CA SER D 92 -6.04 -35.57 11.80
C SER D 92 -5.31 -34.39 11.17
N PHE D 93 -4.48 -33.66 11.93
CA PHE D 93 -3.61 -32.67 11.28
C PHE D 93 -2.14 -33.06 11.35
N GLY D 94 -1.85 -34.34 11.49
CA GLY D 94 -0.51 -34.84 11.27
C GLY D 94 0.45 -34.72 12.42
N VAL D 95 -0.02 -34.46 13.64
CA VAL D 95 0.87 -34.37 14.80
C VAL D 95 0.63 -35.60 15.65
N GLN D 96 1.69 -36.37 15.87
CA GLN D 96 1.56 -37.56 16.71
C GLN D 96 1.66 -37.12 18.17
N GLN D 97 0.57 -37.28 18.92
CA GLN D 97 0.58 -36.91 20.33
C GLN D 97 1.20 -38.01 21.18
N LEU D 98 2.11 -37.61 22.05
CA LEU D 98 2.76 -38.50 23.00
C LEU D 98 2.75 -37.85 24.38
N PRO D 99 2.93 -38.62 25.44
CA PRO D 99 3.14 -38.02 26.77
C PRO D 99 4.39 -37.15 26.76
N LEU D 100 4.33 -36.01 27.46
CA LEU D 100 5.44 -35.05 27.47
C LEU D 100 6.78 -35.74 27.67
N GLU D 101 6.86 -36.70 28.60
CA GLU D 101 8.15 -37.29 28.92
C GLU D 101 8.70 -38.11 27.79
N GLU D 102 7.84 -38.59 26.88
CA GLU D 102 8.28 -39.28 25.68
C GLU D 102 8.74 -38.30 24.60
N ILE D 103 8.23 -37.07 24.64
CA ILE D 103 8.54 -36.08 23.62
C ILE D 103 9.98 -35.59 23.74
N TRP D 104 10.40 -35.21 24.95
CA TRP D 104 11.71 -34.58 25.14
C TRP D 104 12.84 -35.34 24.44
N PRO D 105 13.05 -36.64 24.67
CA PRO D 105 14.23 -37.30 24.07
C PRO D 105 14.16 -37.46 22.57
N LEU D 106 13.00 -37.25 21.94
CA LEU D 106 12.86 -37.47 20.52
C LEU D 106 13.14 -36.24 19.66
N CYS D 107 13.06 -35.05 20.22
CA CYS D 107 12.97 -33.83 19.41
C CYS D 107 14.33 -33.30 18.97
N ASP D 108 14.39 -32.89 17.71
CA ASP D 108 15.49 -32.04 17.27
C ASP D 108 15.18 -30.57 17.45
N PHE D 109 13.92 -30.20 17.27
CA PHE D 109 13.44 -28.84 17.46
C PHE D 109 12.19 -28.91 18.35
N ILE D 110 12.00 -27.92 19.20
CA ILE D 110 10.81 -27.81 20.03
C ILE D 110 10.28 -26.39 19.93
N THR D 111 8.97 -26.24 19.71
CA THR D 111 8.35 -24.93 19.66
C THR D 111 7.12 -24.93 20.56
N VAL D 112 6.89 -23.82 21.28
CA VAL D 112 5.80 -23.76 22.25
C VAL D 112 4.72 -22.84 21.72
N HIS D 113 3.47 -23.28 21.84
CA HIS D 113 2.31 -22.55 21.35
C HIS D 113 1.14 -22.70 22.30
N THR D 114 1.43 -22.66 23.57
CA THR D 114 0.44 -22.68 24.63
C THR D 114 0.13 -21.27 25.10
N PRO D 115 -1.03 -21.07 25.72
CA PRO D 115 -1.21 -19.83 26.49
C PRO D 115 -0.26 -19.85 27.67
N LEU D 116 -0.08 -18.68 28.29
CA LEU D 116 0.71 -18.57 29.51
C LEU D 116 -0.20 -18.83 30.71
N LEU D 117 0.01 -19.96 31.37
CA LEU D 117 -0.80 -20.44 32.49
C LEU D 117 0.15 -20.89 33.58
N PRO D 118 -0.35 -21.16 34.78
CA PRO D 118 0.52 -21.79 35.79
C PRO D 118 1.13 -23.09 35.30
N SER D 119 0.34 -23.92 34.61
CA SER D 119 0.88 -25.18 34.13
C SER D 119 1.93 -25.00 33.05
N THR D 120 1.96 -23.86 32.37
CA THR D 120 2.91 -23.67 31.26
C THR D 120 4.03 -22.68 31.57
N THR D 121 4.01 -22.04 32.72
CA THR D 121 5.16 -21.24 33.12
C THR D 121 6.31 -22.18 33.45
N GLY D 122 7.46 -21.99 32.81
CA GLY D 122 8.55 -22.92 33.01
C GLY D 122 8.30 -24.30 32.45
N LEU D 123 7.48 -24.41 31.39
CA LEU D 123 7.25 -25.69 30.74
C LEU D 123 8.58 -26.33 30.32
N LEU D 124 9.45 -25.52 29.71
CA LEU D 124 10.85 -25.93 29.51
C LEU D 124 11.63 -25.42 30.70
N ASN D 125 12.30 -26.33 31.40
CA ASN D 125 13.05 -25.97 32.61
C ASN D 125 14.27 -26.86 32.67
N ASP D 126 15.00 -26.79 33.79
CA ASP D 126 16.24 -27.57 33.92
C ASP D 126 15.96 -29.05 33.81
N ASN D 127 14.87 -29.51 34.40
CA ASN D 127 14.53 -30.93 34.37
C ASN D 127 14.22 -31.39 32.95
N THR D 128 13.40 -30.65 32.22
CA THR D 128 13.00 -31.09 30.89
C THR D 128 14.13 -30.92 29.87
N PHE D 129 14.96 -29.87 30.02
CA PHE D 129 16.13 -29.75 29.16
C PHE D 129 17.05 -30.95 29.30
N ALA D 130 17.22 -31.44 30.52
CA ALA D 130 18.07 -32.62 30.73
C ALA D 130 17.47 -33.88 30.12
N GLN D 131 16.16 -33.90 29.90
CA GLN D 131 15.50 -35.03 29.25
C GLN D 131 15.57 -34.94 27.73
N CYS D 132 16.00 -33.81 27.19
CA CYS D 132 16.08 -33.60 25.74
C CYS D 132 17.32 -34.27 25.15
N LYS D 133 17.30 -34.39 23.83
CA LYS D 133 18.48 -34.79 23.08
C LYS D 133 19.54 -33.71 23.23
N LYS D 134 20.80 -34.11 23.39
CA LYS D 134 21.85 -33.11 23.40
C LYS D 134 21.89 -32.38 22.07
N GLY D 135 21.88 -31.05 22.12
CA GLY D 135 21.86 -30.25 20.92
C GLY D 135 20.47 -29.84 20.46
N VAL D 136 19.45 -30.01 21.31
CA VAL D 136 18.11 -29.59 20.96
C VAL D 136 18.09 -28.09 20.65
N ARG D 137 17.21 -27.70 19.74
CA ARG D 137 16.99 -26.30 19.41
C ARG D 137 15.56 -25.90 19.77
N VAL D 138 15.40 -24.73 20.40
CA VAL D 138 14.14 -24.33 21.03
C VAL D 138 13.67 -22.99 20.47
N VAL D 139 12.36 -22.90 20.24
CA VAL D 139 11.70 -21.70 19.73
C VAL D 139 10.61 -21.30 20.71
N ASN D 140 10.58 -20.03 21.09
CA ASN D 140 9.44 -19.45 21.82
C ASN D 140 8.99 -18.19 21.11
N CYS D 141 7.95 -18.31 20.30
CA CYS D 141 7.23 -17.17 19.73
C CYS D 141 5.84 -17.04 20.32
N ALA D 142 5.63 -17.57 21.51
CA ALA D 142 4.31 -17.55 22.12
C ALA D 142 4.23 -16.48 23.19
N ARG D 143 4.70 -16.78 24.39
CA ARG D 143 4.65 -15.83 25.50
C ARG D 143 5.90 -16.00 26.34
N GLY D 144 6.47 -14.88 26.79
CA GLY D 144 7.66 -14.96 27.63
C GLY D 144 7.35 -15.64 28.95
N GLY D 145 8.26 -16.53 29.35
CA GLY D 145 8.10 -17.29 30.59
C GLY D 145 7.79 -18.75 30.38
N ILE D 146 7.22 -19.12 29.23
CA ILE D 146 6.95 -20.54 28.99
C ILE D 146 8.26 -21.31 29.00
N VAL D 147 9.31 -20.76 28.40
CA VAL D 147 10.66 -21.31 28.53
C VAL D 147 11.32 -20.60 29.70
N ASP D 148 11.74 -21.38 30.71
CA ASP D 148 12.42 -20.78 31.86
C ASP D 148 13.74 -20.17 31.40
N GLU D 149 13.88 -18.85 31.54
CA GLU D 149 15.01 -18.18 30.92
C GLU D 149 16.33 -18.55 31.59
N GLY D 150 16.32 -18.74 32.91
CA GLY D 150 17.52 -19.22 33.59
C GLY D 150 17.92 -20.61 33.15
N ALA D 151 16.95 -21.52 33.04
CA ALA D 151 17.26 -22.87 32.59
C ALA D 151 17.78 -22.87 31.16
N LEU D 152 17.18 -22.04 30.31
CA LEU D 152 17.63 -21.97 28.91
C LEU D 152 19.09 -21.56 28.84
N LEU D 153 19.49 -20.53 29.61
CA LEU D 153 20.88 -20.08 29.57
C LEU D 153 21.81 -21.17 30.07
N ARG D 154 21.43 -21.87 31.15
CA ARG D 154 22.27 -23.00 31.59
C ARG D 154 22.37 -24.06 30.51
N ALA D 155 21.26 -24.37 29.83
CA ALA D 155 21.31 -25.38 28.79
C ALA D 155 22.15 -24.90 27.61
N LEU D 156 22.10 -23.60 27.29
CA LEU D 156 22.93 -23.09 26.21
C LEU D 156 24.40 -23.11 26.59
N GLN D 157 24.72 -22.72 27.83
CA GLN D 157 26.12 -22.70 28.24
C GLN D 157 26.71 -24.10 28.29
N SER D 158 25.89 -25.11 28.56
CA SER D 158 26.40 -26.48 28.62
C SER D 158 26.46 -27.14 27.25
N GLY D 159 25.72 -26.64 26.27
CA GLY D 159 25.58 -27.33 25.01
C GLY D 159 24.38 -28.24 24.96
N GLN D 160 23.67 -28.41 26.08
CA GLN D 160 22.47 -29.23 26.07
C GLN D 160 21.46 -28.66 25.08
N CYS D 161 21.38 -27.34 25.01
CA CYS D 161 20.64 -26.65 23.96
C CYS D 161 21.63 -26.02 23.00
N ALA D 162 21.57 -26.41 21.72
CA ALA D 162 22.48 -25.90 20.70
C ALA D 162 22.07 -24.54 20.15
N GLY D 163 20.86 -24.08 20.44
CA GLY D 163 20.41 -22.81 19.91
C GLY D 163 18.97 -22.52 20.30
N ALA D 164 18.63 -21.24 20.41
CA ALA D 164 17.29 -20.84 20.79
C ALA D 164 16.89 -19.61 19.99
N ALA D 165 15.61 -19.53 19.68
CA ALA D 165 15.05 -18.39 18.97
C ALA D 165 13.94 -17.82 19.82
N LEU D 166 14.08 -16.57 20.24
CA LEU D 166 13.13 -16.00 21.19
C LEU D 166 12.54 -14.74 20.57
N ASP D 167 11.22 -14.73 20.42
CA ASP D 167 10.50 -13.51 20.09
C ASP D 167 9.93 -12.82 21.32
N VAL D 168 9.88 -13.51 22.45
CA VAL D 168 9.20 -13.03 23.65
C VAL D 168 10.10 -13.27 24.87
N PHE D 169 9.90 -12.43 25.90
CA PHE D 169 10.72 -12.47 27.11
C PHE D 169 9.85 -12.18 28.33
N THR D 170 10.29 -12.66 29.48
CA THR D 170 9.57 -12.40 30.73
C THR D 170 9.48 -10.91 31.01
N GLU D 171 10.51 -10.16 30.63
CA GLU D 171 10.49 -8.70 30.65
C GLU D 171 10.75 -8.19 29.24
N GLU D 172 9.94 -7.23 28.78
CA GLU D 172 10.03 -6.71 27.43
C GLU D 172 10.09 -5.19 27.45
N PRO D 173 11.20 -4.57 26.98
CA PRO D 173 12.43 -5.24 26.56
C PRO D 173 13.14 -5.90 27.73
N PRO D 174 13.86 -6.99 27.48
CA PRO D 174 14.57 -7.68 28.56
C PRO D 174 15.69 -6.84 29.14
N ARG D 175 15.77 -6.83 30.48
CA ARG D 175 16.88 -6.12 31.10
C ARG D 175 18.11 -6.99 31.28
N ASP D 176 17.92 -8.25 31.61
CA ASP D 176 19.00 -9.23 31.57
C ASP D 176 19.34 -9.55 30.12
N ARG D 177 20.59 -9.33 29.73
CA ARG D 177 21.02 -9.45 28.34
C ARG D 177 21.72 -10.78 28.05
N ALA D 178 21.83 -11.66 29.05
CA ALA D 178 22.62 -12.88 28.88
C ALA D 178 22.10 -13.76 27.75
N LEU D 179 20.77 -13.95 27.68
CA LEU D 179 20.22 -14.76 26.61
C LEU D 179 20.41 -14.09 25.25
N VAL D 180 20.00 -12.83 25.14
CA VAL D 180 20.07 -12.14 23.85
C VAL D 180 21.50 -12.10 23.33
N ASP D 181 22.48 -11.91 24.22
CA ASP D 181 23.85 -11.77 23.77
C ASP D 181 24.52 -13.11 23.46
N HIS D 182 23.91 -14.22 23.82
CA HIS D 182 24.52 -15.52 23.56
C HIS D 182 24.61 -15.77 22.06
N GLU D 183 25.74 -16.33 21.64
CA GLU D 183 26.02 -16.47 20.21
C GLU D 183 25.02 -17.39 19.53
N ASN D 184 24.42 -18.33 20.27
CA ASN D 184 23.50 -19.31 19.70
C ASN D 184 22.04 -18.92 19.89
N VAL D 185 21.76 -17.69 20.31
CA VAL D 185 20.41 -17.19 20.49
C VAL D 185 20.10 -16.17 19.41
N ILE D 186 19.00 -16.39 18.71
CA ILE D 186 18.45 -15.40 17.79
C ILE D 186 17.18 -14.83 18.41
N SER D 187 16.94 -13.55 18.15
CA SER D 187 15.88 -12.86 18.87
C SER D 187 15.26 -11.76 18.03
N CYS D 188 14.05 -11.38 18.40
CA CYS D 188 13.30 -10.31 17.75
C CYS D 188 12.52 -9.57 18.84
N PRO D 189 12.24 -8.30 18.66
CA PRO D 189 11.48 -7.55 19.69
C PRO D 189 9.97 -7.76 19.59
N HIS D 190 9.54 -9.00 19.85
CA HIS D 190 8.12 -9.38 19.87
C HIS D 190 7.43 -8.97 18.57
N LEU D 191 7.98 -9.45 17.46
CA LEU D 191 7.44 -9.15 16.15
C LEU D 191 6.36 -10.12 15.73
N GLY D 192 5.97 -11.05 16.60
CA GLY D 192 5.03 -12.10 16.22
C GLY D 192 3.82 -11.62 15.46
N ALA D 193 3.26 -10.47 15.87
CA ALA D 193 2.08 -9.91 15.21
C ALA D 193 2.40 -8.69 14.34
N SER D 194 3.69 -8.49 14.01
CA SER D 194 4.13 -7.25 13.35
C SER D 194 4.20 -7.42 11.83
N THR D 195 3.01 -7.54 11.23
CA THR D 195 2.86 -7.46 9.78
C THR D 195 1.73 -6.49 9.46
N LYS D 196 1.76 -5.94 8.24
CA LYS D 196 0.67 -5.05 7.82
C LYS D 196 -0.67 -5.76 7.86
N GLU D 197 -0.69 -7.02 7.41
CA GLU D 197 -1.93 -7.78 7.32
C GLU D 197 -2.52 -8.05 8.70
N ALA D 198 -1.66 -8.28 9.70
CA ALA D 198 -2.12 -8.51 11.06
C ALA D 198 -2.35 -7.18 11.78
C2 5YP E . -1.46 28.11 -28.37
N3 5YP E . -10.65 36.32 -28.87
C4 5YP E . 0.77 27.18 -28.53
C5 5YP E . 0.82 27.15 -27.14
C8 5YP E . -2.93 28.37 -30.39
C1 5YP E . -1.39 28.11 -26.99
C10 5YP E . -6.62 31.07 -29.63
C11 5YP E . -7.60 32.03 -29.08
C12 5YP E . -8.75 32.22 -29.83
C13 5YP E . -9.73 33.11 -29.43
C14 5YP E . -9.56 33.83 -28.26
C15 5YP E . -8.41 33.66 -27.50
C16 5YP E . -7.42 32.77 -27.91
C17 5YP E . -9.98 37.55 -28.44
C18 5YP E . -8.97 38.11 -29.22
C19 5YP E . -8.34 39.28 -28.80
C20 5YP E . -8.71 39.88 -27.61
C21 5YP E . -9.71 39.32 -26.82
C22 5YP E . -10.35 38.16 -27.25
C23 5YP E . -10.14 39.96 -25.53
C24 5YP E . -10.65 39.02 -24.47
C3 5YP E . -0.38 27.66 -29.15
C6 5YP E . -0.25 27.61 -26.37
C7 5YP E . -2.66 28.64 -29.06
C9 5YP E . -4.51 29.80 -29.20
F1 5YP E . -0.19 27.60 -25.03
N1 5YP E . -3.52 29.43 -28.43
N2 5YP E . -5.61 30.69 -28.81
O1 5YP E . -6.74 30.67 -30.78
O2 5YP E . -12.12 34.32 -28.14
O3 5YP E . -10.56 35.41 -26.42
O4 5YP E . -10.07 41.17 -25.34
S1 5YP E . -4.40 29.18 -30.81
S2 5YP E . -10.85 34.96 -27.79
C2 5YP F . -25.60 25.04 13.70
N3 5YP F . -17.39 33.56 13.09
C4 5YP F . -27.72 23.89 13.67
C5 5YP F . -27.78 24.07 12.30
C8 5YP F . -24.16 25.19 15.77
C1 5YP F . -25.68 25.24 12.33
C10 5YP F . -20.52 27.98 15.23
C11 5YP F . -19.58 29.04 14.78
C12 5YP F . -19.91 29.99 13.82
C13 5YP F . -18.99 30.96 13.47
C14 5YP F . -17.74 30.97 14.09
C15 5YP F . -17.42 30.03 15.05
C16 5YP F . -18.35 29.06 15.41
C17 5YP F . -17.86 34.66 13.93
C18 5YP F . -18.25 34.51 15.27
C19 5YP F . -18.70 35.62 16.00
C20 5YP F . -18.77 36.87 15.39
C21 5YP F . -18.39 37.02 14.06
C22 5YP F . -17.94 35.92 13.34
C23 5YP F . -18.43 38.34 13.34
C24 5YP F . -17.79 38.32 11.98
C3 5YP F . -26.63 24.37 14.38
C6 5YP F . -26.76 24.74 11.64
C7 5YP F . -24.45 25.57 14.47
C9 5YP F . -22.67 26.83 14.75
F1 5YP F . -26.82 24.93 10.30
N1 5YP F . -23.63 26.47 13.91
N2 5YP F . -21.61 27.80 14.47
O1 5YP F . -20.27 27.32 16.25
O2 5YP F . -15.88 32.58 14.96
O3 5YP F . -15.73 31.64 12.58
O4 5YP F . -18.95 39.36 13.81
S1 5YP F . -22.74 26.06 16.29
S2 5YP F . -16.51 32.19 13.69
C2 5YP G . 16.00 -20.51 -17.59
N3 5YP G . 14.60 -32.61 -16.03
C4 5YP G . 16.02 -18.28 -18.50
C5 5YP G . 15.11 -17.90 -17.52
C8 5YP G . 17.67 -22.23 -18.36
C1 5YP G . 15.08 -20.14 -16.63
C10 5YP G . 16.76 -26.45 -16.72
C11 5YP G . 16.08 -27.65 -16.19
C12 5YP G . 16.89 -28.76 -15.95
C13 5YP G . 16.33 -29.93 -15.49
C14 5YP G . 14.96 -30.00 -15.26
C15 5YP G . 14.14 -28.90 -15.50
C16 5YP G . 14.70 -27.72 -15.97
C17 5YP G . 13.61 -32.72 -17.11
C18 5YP G . 13.98 -32.84 -18.46
C19 5YP G . 12.97 -32.94 -19.43
C20 5YP G . 11.63 -32.93 -19.07
C21 5YP G . 11.28 -32.81 -17.73
C22 5YP G . 12.27 -32.72 -16.78
C23 5YP G . 9.87 -32.80 -17.21
C24 5YP G . 8.95 -31.79 -17.83
C3 5YP G . 16.47 -19.60 -18.53
C6 5YP G . 14.65 -18.82 -16.59
C7 5YP G . 16.51 -21.91 -17.67
C9 5YP G . 16.48 -24.05 -17.28
F1 5YP G . 13.76 -18.46 -15.65
N1 5YP G . 15.86 -22.91 -17.09
N2 5YP G . 16.02 -25.34 -16.78
O1 5YP G . 17.94 -26.51 -17.09
O2 5YP G . 12.88 -31.36 -14.46
O3 5YP G . 15.21 -31.96 -13.58
O4 5YP G . 9.49 -33.53 -16.30
S1 5YP G . 17.92 -23.93 -18.24
S2 5YP G . 14.32 -31.54 -14.66
C2 5YP H . -0.18 -27.45 27.66
N3 5YP H . -8.53 -26.60 19.11
C4 5YP H . 1.33 -28.46 29.25
C5 5YP H . 2.12 -28.88 28.17
C8 5YP H . -2.12 -25.95 28.36
C1 5YP H . 0.60 -27.86 26.59
C10 5YP H . -5.06 -25.16 24.86
C11 5YP H . -5.85 -25.22 23.60
C12 5YP H . -6.78 -24.20 23.40
C13 5YP H . -7.58 -24.17 22.28
C14 5YP H . -7.48 -25.17 21.32
C15 5YP H . -6.57 -26.20 21.51
C16 5YP H . -5.75 -26.24 22.64
C17 5YP H . -9.58 -27.61 19.25
C18 5YP H . -9.75 -28.57 18.26
C19 5YP H . -10.74 -29.54 18.38
C20 5YP H . -11.56 -29.55 19.49
C21 5YP H . -11.39 -28.60 20.50
C22 5YP H . -10.40 -27.63 20.37
C23 5YP H . -12.26 -28.59 21.71
C24 5YP H . -11.73 -27.77 22.85
C3 5YP H . 0.16 -27.74 28.97
C6 5YP H . 1.76 -28.58 26.86
C7 5YP H . -1.45 -26.69 27.39
C9 5YP H . -3.10 -26.04 26.11
F1 5YP H . 2.53 -28.98 25.82
N1 5YP H . -1.99 -26.75 26.18
N2 5YP H . -3.95 -25.93 24.92
O1 5YP H . -5.46 -24.45 25.79
O2 5YP H . -9.90 -24.74 20.40
O3 5YP H . -7.89 -24.11 18.97
O4 5YP H . -13.34 -29.18 21.75
S1 5YP H . -3.52 -25.27 27.61
S2 5YP H . -8.55 -25.05 19.90
#